data_9UF7
#
_entry.id   9UF7
#
_cell.length_a   46.254
_cell.length_b   72.059
_cell.length_c   134.360
_cell.angle_alpha   90.00
_cell.angle_beta   97.83
_cell.angle_gamma   90.00
#
_symmetry.space_group_name_H-M   'P 1 21 1'
#
loop_
_entity.id
_entity.type
_entity.pdbx_description
1 polymer UGT79G15
2 non-polymer "URIDINE-5'-DIPHOSPHATE"
3 water water
#
_entity_poly.entity_id   1
_entity_poly.type   'polypeptide(L)'
_entity_poly.pdbx_seq_one_letter_code
;KPKLHITMFPWVAIGHITPFIHLANELAKRGHSISILIPKKAHTQLGHNNLYPDLIKFHIVTVPHVEGLPAGAETASDID
ITAKNPLAIAFDAMYEQVETLLYGLKPDIVFYDFADWIPKLAAQIGFKTVCYNVICASCMAIGIVPARHIPKDRPLTEEE
LMTPPEGYPSSTVVLRGQEARTLSFIGMDYGATKFDVRITAAMQGCDAIGIRTCRELEGPMCDYLSAQYNKPVFLSGPVL
PESPKGPLEEKWEKWLNKFEPKSVVYCAFGSQMILQKNQFQELVLGFEMTGLPFFVALSKPHGADSIEEALPEGFLERVG
DRGVVHGGWVQQTQILNHQSVGCFVSHCGFGSMWESLLSDSQIVLVPRLADQILNTRLLAEELKVAVEVERGDMGWFSKE
DLCKAIKSVMDEESEVGKLVKKNHAKWRETLVSPGYMDNYLEDFIQQLYG
;
_entity_poly.pdbx_strand_id   A,B
#
# COMPACT_ATOMS: atom_id res chain seq x y z
N LYS A 1 2.45 20.59 -26.11
CA LYS A 1 2.92 19.77 -25.00
C LYS A 1 3.56 18.48 -25.50
N PRO A 2 4.52 17.96 -24.73
CA PRO A 2 5.15 16.69 -25.12
C PRO A 2 4.16 15.54 -25.01
N LYS A 3 4.36 14.54 -25.86
CA LYS A 3 3.56 13.34 -25.76
C LYS A 3 3.88 12.61 -24.46
N LEU A 4 2.88 11.86 -23.96
CA LEU A 4 3.06 11.10 -22.74
C LEU A 4 3.73 9.77 -23.04
N HIS A 5 4.47 9.27 -22.04
CA HIS A 5 4.92 7.88 -22.05
C HIS A 5 4.16 7.13 -20.98
N ILE A 6 3.39 6.13 -21.41
CA ILE A 6 2.52 5.36 -20.54
C ILE A 6 2.99 3.91 -20.55
N THR A 7 3.12 3.31 -19.37
CA THR A 7 3.41 1.89 -19.25
C THR A 7 2.17 1.16 -18.75
N MET A 8 1.87 0.03 -19.37
CA MET A 8 0.70 -0.76 -19.02
C MET A 8 1.13 -2.08 -18.41
N PHE A 9 0.53 -2.42 -17.27
CA PHE A 9 0.77 -3.72 -16.62
C PHE A 9 -0.55 -4.38 -16.27
N PRO A 10 -1.15 -5.12 -17.20
CA PRO A 10 -2.43 -5.77 -16.95
C PRO A 10 -2.32 -7.12 -16.25
N TRP A 11 -3.43 -7.54 -15.67
CA TRP A 11 -3.54 -8.89 -15.13
C TRP A 11 -3.33 -9.91 -16.25
N VAL A 12 -2.79 -11.07 -15.88
CA VAL A 12 -2.36 -12.07 -16.84
C VAL A 12 -3.53 -12.92 -17.35
N ALA A 13 -4.46 -12.29 -18.06
CA ALA A 13 -5.51 -13.02 -18.77
C ALA A 13 -5.74 -12.33 -20.10
N ILE A 14 -6.02 -13.13 -21.13
CA ILE A 14 -6.21 -12.60 -22.48
C ILE A 14 -7.30 -11.55 -22.50
N GLY A 15 -8.35 -11.74 -21.68
CA GLY A 15 -9.44 -10.79 -21.60
C GLY A 15 -9.05 -9.46 -20.97
N HIS A 16 -7.98 -9.42 -20.18
CA HIS A 16 -7.49 -8.15 -19.67
C HIS A 16 -6.45 -7.52 -20.61
N ILE A 17 -5.52 -8.32 -21.12
CA ILE A 17 -4.43 -7.77 -21.93
C ILE A 17 -4.97 -7.13 -23.20
N THR A 18 -5.92 -7.79 -23.87
CA THR A 18 -6.40 -7.31 -25.17
C THR A 18 -7.00 -5.91 -25.09
N PRO A 19 -7.91 -5.60 -24.16
CA PRO A 19 -8.41 -4.21 -24.09
C PRO A 19 -7.33 -3.20 -23.82
N PHE A 20 -6.32 -3.55 -23.01
CA PHE A 20 -5.20 -2.62 -22.82
C PHE A 20 -4.49 -2.36 -24.14
N ILE A 21 -4.33 -3.40 -24.96
CA ILE A 21 -3.73 -3.22 -26.27
C ILE A 21 -4.61 -2.34 -27.15
N HIS A 22 -5.93 -2.50 -27.04
CA HIS A 22 -6.84 -1.63 -27.78
C HIS A 22 -6.66 -0.18 -27.35
N LEU A 23 -6.58 0.07 -26.04
CA LEU A 23 -6.34 1.42 -25.56
C LEU A 23 -4.97 1.92 -26.02
N ALA A 24 -3.96 1.05 -26.02
CA ALA A 24 -2.62 1.45 -26.41
C ALA A 24 -2.57 1.91 -27.87
N ASN A 25 -3.32 1.23 -28.76
CA ASN A 25 -3.35 1.62 -30.16
C ASN A 25 -3.98 3.00 -30.34
N GLU A 26 -5.09 3.25 -29.65
CA GLU A 26 -5.73 4.56 -29.75
C GLU A 26 -4.82 5.66 -29.21
N LEU A 27 -4.08 5.37 -28.13
CA LEU A 27 -3.15 6.35 -27.58
C LEU A 27 -1.97 6.59 -28.51
N ALA A 28 -1.35 5.51 -29.01
CA ALA A 28 -0.23 5.68 -29.92
C ALA A 28 -0.66 6.36 -31.22
N LYS A 29 -1.90 6.13 -31.65
CA LYS A 29 -2.40 6.82 -32.83
C LYS A 29 -2.28 8.33 -32.65
N ARG A 30 -2.45 8.82 -31.43
CA ARG A 30 -2.24 10.22 -31.11
C ARG A 30 -0.80 10.54 -30.72
N GLY A 31 0.13 9.59 -30.86
CA GLY A 31 1.54 9.88 -30.75
C GLY A 31 2.19 9.62 -29.40
N HIS A 32 1.47 9.07 -28.43
CA HIS A 32 2.06 8.77 -27.14
C HIS A 32 2.81 7.44 -27.17
N SER A 33 3.84 7.33 -26.33
CA SER A 33 4.65 6.13 -26.25
C SER A 33 4.08 5.18 -25.21
N ILE A 34 3.89 3.92 -25.60
CA ILE A 34 3.27 2.91 -24.74
C ILE A 34 4.23 1.73 -24.62
N SER A 35 4.49 1.32 -23.38
CA SER A 35 5.19 0.07 -23.10
C SER A 35 4.24 -0.85 -22.35
N ILE A 36 4.10 -2.08 -22.86
CA ILE A 36 3.16 -3.05 -22.32
C ILE A 36 3.96 -4.22 -21.78
N LEU A 37 3.72 -4.56 -20.51
CA LEU A 37 4.47 -5.61 -19.82
C LEU A 37 3.56 -6.82 -19.70
N ILE A 38 3.92 -7.93 -20.38
CA ILE A 38 3.07 -9.12 -20.40
C ILE A 38 3.90 -10.40 -20.47
N PRO A 39 3.31 -11.56 -20.17
CA PRO A 39 4.06 -12.82 -20.27
C PRO A 39 4.36 -13.22 -21.71
N LYS A 40 5.34 -14.12 -21.82
CA LYS A 40 5.88 -14.52 -23.12
C LYS A 40 4.79 -15.11 -24.02
N LYS A 41 3.99 -16.02 -23.46
CA LYS A 41 2.97 -16.69 -24.28
C LYS A 41 1.92 -15.71 -24.77
N ALA A 42 1.50 -14.77 -23.92
CA ALA A 42 0.54 -13.76 -24.37
C ALA A 42 1.11 -12.90 -25.48
N HIS A 43 2.40 -12.57 -25.41
CA HIS A 43 3.02 -11.77 -26.44
C HIS A 43 3.03 -12.49 -27.77
N THR A 44 3.41 -13.78 -27.76
CA THR A 44 3.37 -14.56 -28.98
C THR A 44 1.95 -14.69 -29.52
N GLN A 45 0.97 -14.79 -28.62
CA GLN A 45 -0.43 -14.88 -29.01
C GLN A 45 -0.97 -13.59 -29.59
N LEU A 46 -0.60 -12.46 -29.03
CA LEU A 46 -1.22 -11.19 -29.36
C LEU A 46 -0.27 -10.21 -30.05
N GLY A 47 0.93 -10.65 -30.44
CA GLY A 47 1.92 -9.73 -30.96
C GLY A 47 1.51 -9.02 -32.24
N HIS A 48 0.75 -9.69 -33.10
CA HIS A 48 0.31 -9.08 -34.35
C HIS A 48 -0.59 -7.87 -34.11
N ASN A 49 -1.27 -7.83 -32.96
CA ASN A 49 -2.23 -6.77 -32.68
C ASN A 49 -1.61 -5.39 -32.58
N ASN A 50 -0.29 -5.28 -32.46
CA ASN A 50 0.34 -3.97 -32.33
C ASN A 50 0.29 -3.26 -33.67
N LEU A 51 -0.46 -2.16 -33.74
CA LEU A 51 -0.59 -1.39 -34.97
C LEU A 51 0.48 -0.31 -35.13
N TYR A 52 1.13 0.11 -34.04
CA TYR A 52 2.10 1.21 -34.08
C TYR A 52 3.40 0.76 -33.45
N PRO A 53 4.19 -0.05 -34.18
CA PRO A 53 5.37 -0.68 -33.58
C PRO A 53 6.46 0.28 -33.13
N ASP A 54 6.61 1.45 -33.76
CA ASP A 54 7.56 2.44 -33.25
C ASP A 54 7.17 2.94 -31.87
N LEU A 55 5.88 3.21 -31.66
CA LEU A 55 5.41 3.79 -30.41
C LEU A 55 5.05 2.77 -29.34
N ILE A 56 4.58 1.59 -29.72
CA ILE A 56 4.11 0.58 -28.77
C ILE A 56 5.16 -0.51 -28.66
N LYS A 57 5.71 -0.69 -27.46
CA LYS A 57 6.76 -1.64 -27.19
C LYS A 57 6.29 -2.66 -26.17
N PHE A 58 6.61 -3.93 -26.43
CA PHE A 58 6.31 -5.02 -25.50
C PHE A 58 7.57 -5.35 -24.71
N HIS A 59 7.43 -5.50 -23.39
CA HIS A 59 8.50 -5.99 -22.54
C HIS A 59 8.02 -7.24 -21.82
N ILE A 60 8.75 -8.33 -21.98
CA ILE A 60 8.34 -9.62 -21.43
C ILE A 60 8.62 -9.64 -19.94
N VAL A 61 7.63 -10.08 -19.17
CA VAL A 61 7.79 -10.33 -17.73
C VAL A 61 7.65 -11.82 -17.51
N THR A 62 8.61 -12.40 -16.79
CA THR A 62 8.57 -13.81 -16.45
C THR A 62 7.57 -14.06 -15.33
N VAL A 63 6.76 -15.09 -15.50
CA VAL A 63 5.83 -15.54 -14.46
C VAL A 63 6.58 -16.54 -13.58
N PRO A 64 6.86 -16.21 -12.32
CA PRO A 64 7.65 -17.11 -11.49
C PRO A 64 6.88 -18.39 -11.20
N HIS A 65 7.59 -19.51 -11.23
CA HIS A 65 7.00 -20.73 -10.73
C HIS A 65 6.93 -20.67 -9.21
N VAL A 66 5.74 -20.92 -8.66
CA VAL A 66 5.50 -20.91 -7.23
C VAL A 66 4.74 -22.19 -6.92
N GLU A 67 4.68 -22.54 -5.62
CA GLU A 67 4.06 -23.79 -5.24
C GLU A 67 2.64 -23.87 -5.80
N GLY A 68 2.32 -24.99 -6.44
CA GLY A 68 1.03 -25.21 -7.06
C GLY A 68 0.87 -24.64 -8.45
N LEU A 69 1.88 -23.98 -8.99
CA LEU A 69 1.64 -23.48 -10.34
C LEU A 69 1.98 -24.55 -11.36
N PRO A 70 1.07 -24.88 -12.27
CA PRO A 70 1.38 -25.87 -13.31
C PRO A 70 2.52 -25.39 -14.19
N ALA A 71 3.32 -26.34 -14.67
CA ALA A 71 4.44 -26.00 -15.53
C ALA A 71 3.98 -25.28 -16.78
N GLY A 72 4.69 -24.22 -17.15
CA GLY A 72 4.39 -23.48 -18.37
C GLY A 72 3.19 -22.58 -18.31
N ALA A 73 2.63 -22.34 -17.12
CA ALA A 73 1.41 -21.56 -16.98
C ALA A 73 1.77 -20.08 -16.81
N GLU A 74 1.25 -19.25 -17.72
CA GLU A 74 1.50 -17.82 -17.65
C GLU A 74 0.24 -16.96 -17.58
N THR A 75 -0.91 -17.49 -18.01
CA THR A 75 -2.14 -16.70 -18.07
C THR A 75 -3.29 -17.50 -17.49
N ALA A 76 -4.41 -16.81 -17.27
CA ALA A 76 -5.59 -17.47 -16.73
C ALA A 76 -6.10 -18.59 -17.64
N SER A 77 -5.88 -18.47 -18.94
CA SER A 77 -6.32 -19.50 -19.87
C SER A 77 -5.58 -20.82 -19.66
N ASP A 78 -4.33 -20.77 -19.19
CA ASP A 78 -3.55 -21.98 -18.99
C ASP A 78 -4.09 -22.86 -17.86
N ILE A 79 -4.72 -22.27 -16.85
CA ILE A 79 -4.99 -22.96 -15.60
C ILE A 79 -6.50 -23.18 -15.43
N ASP A 80 -6.85 -24.27 -14.75
CA ASP A 80 -8.21 -24.43 -14.26
C ASP A 80 -8.33 -23.81 -12.88
N ILE A 81 -9.55 -23.82 -12.34
CA ILE A 81 -9.87 -23.15 -11.08
C ILE A 81 -8.99 -23.60 -9.91
N THR A 82 -8.44 -24.82 -9.97
CA THR A 82 -7.62 -25.31 -8.86
C THR A 82 -6.36 -24.50 -8.68
N ALA A 83 -5.82 -23.93 -9.75
CA ALA A 83 -4.56 -23.19 -9.69
C ALA A 83 -4.78 -21.68 -9.54
N LYS A 84 -5.99 -21.25 -9.20
CA LYS A 84 -6.28 -19.82 -9.16
C LYS A 84 -5.35 -19.08 -8.21
N ASN A 85 -5.23 -19.56 -6.97
CA ASN A 85 -4.39 -18.89 -5.99
C ASN A 85 -2.92 -18.86 -6.40
N PRO A 86 -2.31 -19.96 -6.86
CA PRO A 86 -0.91 -19.87 -7.30
C PRO A 86 -0.67 -18.91 -8.45
N LEU A 87 -1.59 -18.82 -9.43
CA LEU A 87 -1.38 -17.85 -10.50
C LEU A 87 -1.35 -16.43 -9.92
N ALA A 88 -2.31 -16.11 -9.06
CA ALA A 88 -2.34 -14.80 -8.42
C ALA A 88 -1.05 -14.55 -7.62
N ILE A 89 -0.60 -15.55 -6.87
CA ILE A 89 0.63 -15.39 -6.09
C ILE A 89 1.82 -15.22 -7.03
N ALA A 90 1.80 -15.93 -8.17
CA ALA A 90 2.84 -15.73 -9.18
C ALA A 90 2.76 -14.33 -9.76
N PHE A 91 1.54 -13.83 -9.97
CA PHE A 91 1.36 -12.46 -10.46
C PHE A 91 1.93 -11.46 -9.48
N ASP A 92 1.66 -11.63 -8.18
CA ASP A 92 2.19 -10.72 -7.18
C ASP A 92 3.71 -10.79 -7.09
N ALA A 93 4.29 -11.97 -7.33
CA ALA A 93 5.73 -12.13 -7.22
C ALA A 93 6.52 -11.47 -8.33
N MET A 94 5.88 -11.01 -9.42
CA MET A 94 6.65 -10.29 -10.43
C MET A 94 6.78 -8.81 -10.11
N TYR A 95 6.47 -8.45 -8.86
CA TYR A 95 6.61 -7.08 -8.38
C TYR A 95 8.01 -6.59 -8.69
N GLU A 96 9.00 -7.44 -8.49
CA GLU A 96 10.33 -6.89 -8.35
C GLU A 96 10.93 -6.73 -9.75
N GLN A 97 10.53 -7.61 -10.71
CA GLN A 97 10.79 -7.39 -12.15
C GLN A 97 10.13 -6.10 -12.63
N VAL A 98 8.85 -5.90 -12.28
CA VAL A 98 8.12 -4.71 -12.70
C VAL A 98 8.79 -3.45 -12.13
N GLU A 99 9.28 -3.53 -10.89
CA GLU A 99 10.02 -2.40 -10.33
C GLU A 99 11.26 -2.08 -11.15
N THR A 100 12.01 -3.13 -11.52
CA THR A 100 13.22 -2.93 -12.33
C THR A 100 12.90 -2.32 -13.69
N LEU A 101 11.86 -2.81 -14.36
CA LEU A 101 11.51 -2.27 -15.67
C LEU A 101 11.06 -0.80 -15.56
N LEU A 102 10.25 -0.49 -14.55
CA LEU A 102 9.74 0.87 -14.40
C LEU A 102 10.87 1.86 -14.13
N TYR A 103 11.89 1.45 -13.38
CA TYR A 103 13.04 2.31 -13.16
C TYR A 103 13.69 2.71 -14.48
N GLY A 104 13.81 1.75 -15.41
CA GLY A 104 14.35 2.07 -16.72
C GLY A 104 13.38 2.85 -17.59
N LEU A 105 12.11 2.46 -17.59
CA LEU A 105 11.13 3.08 -18.49
C LEU A 105 10.83 4.51 -18.09
N LYS A 106 10.77 4.79 -16.78
CA LYS A 106 10.46 6.12 -16.26
C LYS A 106 9.18 6.71 -16.85
N PRO A 107 8.07 5.99 -16.80
CA PRO A 107 6.84 6.48 -17.44
C PRO A 107 6.24 7.64 -16.66
N ASP A 108 5.50 8.48 -17.38
CA ASP A 108 4.67 9.50 -16.73
C ASP A 108 3.49 8.86 -16.01
N ILE A 109 2.81 7.92 -16.65
CA ILE A 109 1.59 7.30 -16.12
C ILE A 109 1.69 5.79 -16.29
N VAL A 110 1.21 5.05 -15.31
CA VAL A 110 1.14 3.60 -15.38
C VAL A 110 -0.33 3.18 -15.31
N PHE A 111 -0.72 2.27 -16.19
CA PHE A 111 -2.06 1.69 -16.18
C PHE A 111 -1.97 0.30 -15.58
N TYR A 112 -2.86 -0.01 -14.65
CA TYR A 112 -2.89 -1.30 -13.98
C TYR A 112 -4.34 -1.64 -13.60
N ASP A 113 -4.58 -2.91 -13.28
CA ASP A 113 -5.87 -3.24 -12.69
C ASP A 113 -5.73 -4.08 -11.42
N PHE A 114 -5.31 -5.34 -11.54
CA PHE A 114 -5.27 -6.22 -10.37
C PHE A 114 -4.02 -6.04 -9.53
N ALA A 115 -3.02 -5.31 -10.02
CA ALA A 115 -1.74 -5.22 -9.32
C ALA A 115 -1.85 -4.11 -8.28
N ASP A 116 -2.45 -4.46 -7.14
CA ASP A 116 -2.72 -3.45 -6.13
C ASP A 116 -1.44 -2.84 -5.57
N TRP A 117 -0.29 -3.49 -5.73
CA TRP A 117 1.00 -2.99 -5.26
C TRP A 117 1.61 -1.90 -6.14
N ILE A 118 1.11 -1.70 -7.37
CA ILE A 118 1.72 -0.71 -8.26
C ILE A 118 1.76 0.68 -7.63
N PRO A 119 0.71 1.17 -6.94
CA PRO A 119 0.84 2.48 -6.27
C PRO A 119 2.00 2.56 -5.28
N LYS A 120 2.39 1.45 -4.64
CA LYS A 120 3.59 1.49 -3.82
C LYS A 120 4.81 1.82 -4.67
N LEU A 121 4.88 1.25 -5.87
CA LEU A 121 5.94 1.57 -6.82
C LEU A 121 5.80 3.00 -7.35
N ALA A 122 4.58 3.51 -7.48
CA ALA A 122 4.40 4.88 -7.93
C ALA A 122 5.08 5.88 -7.00
N ALA A 123 4.95 5.68 -5.69
CA ALA A 123 5.61 6.55 -4.73
C ALA A 123 7.12 6.35 -4.75
N GLN A 124 7.57 5.11 -4.92
CA GLN A 124 9.01 4.84 -4.92
C GLN A 124 9.69 5.44 -6.15
N ILE A 125 9.12 5.22 -7.33
CA ILE A 125 9.75 5.65 -8.58
C ILE A 125 9.28 7.02 -9.07
N GLY A 126 8.12 7.49 -8.63
CA GLY A 126 7.60 8.76 -9.09
C GLY A 126 6.89 8.70 -10.43
N PHE A 127 5.71 8.09 -10.46
CA PHE A 127 4.82 8.18 -11.62
C PHE A 127 3.38 8.24 -11.14
N LYS A 128 2.52 8.80 -12.00
CA LYS A 128 1.09 8.79 -11.80
C LYS A 128 0.50 7.45 -12.23
N THR A 129 -0.66 7.11 -11.68
CA THR A 129 -1.30 5.84 -11.99
C THR A 129 -2.77 6.04 -12.32
N VAL A 130 -3.26 5.21 -13.24
CA VAL A 130 -4.68 5.09 -13.55
C VAL A 130 -5.08 3.63 -13.32
N CYS A 131 -6.14 3.42 -12.56
CA CYS A 131 -6.70 2.08 -12.35
C CYS A 131 -7.76 1.87 -13.43
N TYR A 132 -7.42 1.11 -14.47
CA TYR A 132 -8.20 1.00 -15.68
C TYR A 132 -8.94 -0.33 -15.68
N ASN A 133 -10.26 -0.28 -15.82
CA ASN A 133 -11.10 -1.46 -15.67
C ASN A 133 -11.82 -1.73 -16.98
N VAL A 134 -11.52 -2.89 -17.58
CA VAL A 134 -12.18 -3.29 -18.82
C VAL A 134 -13.66 -3.64 -18.59
N ILE A 135 -14.00 -4.19 -17.43
CA ILE A 135 -15.36 -4.62 -17.13
C ILE A 135 -16.26 -3.46 -16.75
N CYS A 136 -17.56 -3.74 -16.64
CA CYS A 136 -18.59 -2.72 -16.49
C CYS A 136 -18.47 -1.91 -15.21
N ALA A 137 -18.87 -0.64 -15.30
CA ALA A 137 -18.92 0.22 -14.12
C ALA A 137 -19.92 -0.30 -13.11
N SER A 138 -21.06 -0.80 -13.59
CA SER A 138 -22.11 -1.29 -12.69
C SER A 138 -21.59 -2.45 -11.85
N CYS A 139 -20.75 -3.29 -12.43
CA CYS A 139 -20.16 -4.39 -11.67
C CYS A 139 -19.31 -3.88 -10.53
N MET A 140 -18.46 -2.89 -10.82
CA MET A 140 -17.65 -2.29 -9.78
C MET A 140 -18.55 -1.60 -8.75
N ALA A 141 -19.54 -0.83 -9.23
CA ALA A 141 -20.36 -0.03 -8.34
C ALA A 141 -21.23 -0.89 -7.45
N ILE A 142 -21.83 -1.95 -8.00
CA ILE A 142 -22.67 -2.82 -7.19
C ILE A 142 -21.85 -3.74 -6.28
N GLY A 143 -20.57 -3.96 -6.60
CA GLY A 143 -19.84 -5.03 -5.96
C GLY A 143 -18.84 -4.66 -4.90
N ILE A 144 -17.69 -4.09 -5.29
CA ILE A 144 -16.61 -3.81 -4.35
C ILE A 144 -16.50 -2.30 -4.20
N VAL A 145 -17.08 -1.80 -3.12
CA VAL A 145 -17.18 -0.36 -2.89
C VAL A 145 -17.21 -0.20 -1.37
N PRO A 146 -16.71 0.89 -0.80
CA PRO A 146 -16.69 1.01 0.66
C PRO A 146 -18.05 0.87 1.30
N ALA A 147 -19.12 1.28 0.62
CA ALA A 147 -20.46 1.19 1.19
C ALA A 147 -20.84 -0.25 1.51
N ARG A 148 -20.44 -1.19 0.66
CA ARG A 148 -20.64 -2.60 0.96
C ARG A 148 -19.60 -3.08 1.96
N HIS A 149 -20.06 -3.86 2.95
CA HIS A 149 -19.17 -4.47 3.91
C HIS A 149 -18.99 -5.94 3.56
N ILE A 150 -17.73 -6.36 3.42
CA ILE A 150 -17.40 -7.73 3.09
C ILE A 150 -16.56 -8.30 4.23
N PRO A 151 -16.98 -9.38 4.87
CA PRO A 151 -16.20 -9.94 5.98
C PRO A 151 -14.91 -10.59 5.48
N LYS A 152 -13.83 -10.37 6.22
CA LYS A 152 -12.55 -11.00 5.91
C LYS A 152 -12.63 -12.53 6.07
N ASP A 153 -13.26 -13.01 7.14
CA ASP A 153 -13.21 -14.42 7.51
C ASP A 153 -14.26 -15.30 6.84
N ARG A 154 -15.36 -14.75 6.34
CA ARG A 154 -16.42 -15.60 5.82
C ARG A 154 -16.94 -15.07 4.49
N PRO A 155 -17.44 -15.93 3.62
CA PRO A 155 -18.02 -15.46 2.36
C PRO A 155 -19.35 -14.76 2.58
N LEU A 156 -19.70 -13.91 1.62
CA LEU A 156 -20.99 -13.23 1.64
C LEU A 156 -22.13 -14.23 1.43
N THR A 157 -23.25 -13.99 2.11
CA THR A 157 -24.44 -14.78 1.86
C THR A 157 -25.10 -14.36 0.55
N GLU A 158 -25.98 -15.23 0.06
CA GLU A 158 -26.70 -14.95 -1.18
C GLU A 158 -27.54 -13.68 -1.07
N GLU A 159 -28.15 -13.43 0.10
CA GLU A 159 -28.92 -12.20 0.27
C GLU A 159 -28.01 -10.98 0.34
N GLU A 160 -26.83 -11.11 0.95
CA GLU A 160 -25.87 -10.02 0.93
C GLU A 160 -25.44 -9.69 -0.49
N LEU A 161 -25.18 -10.72 -1.30
CA LEU A 161 -24.79 -10.50 -2.69
C LEU A 161 -25.93 -9.86 -3.48
N MET A 162 -27.17 -10.25 -3.17
CA MET A 162 -28.34 -9.73 -3.84
C MET A 162 -28.55 -8.25 -3.51
N THR A 163 -28.29 -7.83 -2.28
CA THR A 163 -28.61 -6.48 -1.84
C THR A 163 -27.55 -5.48 -2.29
N PRO A 164 -27.91 -4.43 -3.03
CA PRO A 164 -26.91 -3.46 -3.49
C PRO A 164 -26.39 -2.61 -2.35
N PRO A 165 -25.21 -2.03 -2.50
CA PRO A 165 -24.64 -1.20 -1.43
C PRO A 165 -25.43 0.09 -1.25
N GLU A 166 -25.29 0.68 -0.05
CA GLU A 166 -25.99 1.92 0.27
C GLU A 166 -25.61 3.04 -0.71
N GLY A 167 -26.62 3.69 -1.25
CA GLY A 167 -26.42 4.72 -2.24
C GLY A 167 -26.30 4.22 -3.67
N TYR A 168 -26.45 2.93 -3.92
CA TYR A 168 -26.32 2.40 -5.27
C TYR A 168 -27.36 3.05 -6.17
N PRO A 169 -26.97 3.58 -7.34
CA PRO A 169 -27.85 4.49 -8.08
C PRO A 169 -29.08 3.85 -8.72
N SER A 170 -29.08 2.55 -9.01
CA SER A 170 -30.16 1.96 -9.79
C SER A 170 -30.95 0.93 -9.00
N SER A 171 -32.28 1.01 -9.10
CA SER A 171 -33.15 -0.11 -8.76
C SER A 171 -33.23 -1.11 -9.90
N THR A 172 -33.04 -0.65 -11.13
CA THR A 172 -33.21 -1.51 -12.30
C THR A 172 -32.01 -2.43 -12.50
N VAL A 173 -30.80 -1.89 -12.40
CA VAL A 173 -29.58 -2.63 -12.78
C VAL A 173 -29.14 -3.39 -11.52
N VAL A 174 -29.85 -4.47 -11.22
CA VAL A 174 -29.66 -5.24 -10.00
C VAL A 174 -29.72 -6.73 -10.32
N LEU A 175 -29.14 -7.53 -9.46
CA LEU A 175 -29.25 -8.97 -9.58
C LEU A 175 -30.45 -9.47 -8.84
N ARG A 176 -31.01 -10.59 -9.30
CA ARG A 176 -32.13 -11.24 -8.62
C ARG A 176 -31.63 -12.24 -7.55
N GLY A 177 -32.51 -13.11 -7.06
CA GLY A 177 -32.10 -14.09 -6.03
C GLY A 177 -31.18 -15.19 -6.56
N GLN A 178 -31.47 -15.71 -7.75
CA GLN A 178 -30.80 -16.94 -8.23
C GLN A 178 -29.47 -16.55 -8.88
N GLU A 179 -29.29 -15.25 -9.16
CA GLU A 179 -28.12 -14.74 -9.91
C GLU A 179 -27.06 -14.23 -8.92
N ALA A 180 -27.32 -14.36 -7.62
CA ALA A 180 -26.37 -13.82 -6.60
C ALA A 180 -25.03 -14.53 -6.71
N ARG A 181 -25.06 -15.85 -6.93
CA ARG A 181 -23.80 -16.64 -7.02
C ARG A 181 -22.87 -16.03 -8.09
N THR A 182 -23.43 -15.34 -9.08
CA THR A 182 -22.62 -14.78 -10.14
C THR A 182 -21.73 -13.66 -9.67
N LEU A 183 -22.11 -13.06 -8.58
CA LEU A 183 -21.34 -11.99 -7.94
C LEU A 183 -20.43 -12.49 -6.82
N SER A 184 -20.45 -13.79 -6.51
CA SER A 184 -19.67 -14.29 -5.38
C SER A 184 -18.17 -14.13 -5.59
N PHE A 185 -17.73 -13.84 -6.82
CA PHE A 185 -16.31 -13.66 -7.07
C PHE A 185 -15.71 -12.50 -6.27
N ILE A 186 -16.54 -11.53 -5.87
CA ILE A 186 -16.01 -10.31 -5.26
C ILE A 186 -15.25 -10.62 -3.98
N GLY A 187 -15.72 -11.59 -3.21
CA GLY A 187 -15.10 -11.98 -1.96
C GLY A 187 -14.24 -13.22 -2.01
N MET A 188 -14.02 -13.79 -3.19
CA MET A 188 -13.28 -15.04 -3.32
C MET A 188 -11.82 -14.84 -2.93
N ASP A 189 -11.20 -15.91 -2.42
CA ASP A 189 -9.75 -15.92 -2.22
C ASP A 189 -9.06 -15.77 -3.57
N TYR A 190 -8.08 -14.87 -3.63
CA TYR A 190 -7.33 -14.61 -4.87
C TYR A 190 -5.85 -14.45 -4.51
N GLY A 191 -5.15 -15.59 -4.42
CA GLY A 191 -3.79 -15.57 -3.92
C GLY A 191 -3.71 -15.27 -2.43
N ALA A 192 -2.75 -14.41 -2.06
CA ALA A 192 -2.49 -14.16 -0.65
C ALA A 192 -3.66 -13.45 0.04
N THR A 193 -4.40 -12.64 -0.70
CA THR A 193 -5.52 -11.89 -0.15
C THR A 193 -6.81 -12.25 -0.90
N LYS A 194 -7.94 -11.85 -0.33
CA LYS A 194 -9.21 -11.99 -1.02
C LYS A 194 -9.39 -10.86 -2.05
N PHE A 195 -10.22 -11.15 -3.06
CA PHE A 195 -10.32 -10.29 -4.23
C PHE A 195 -10.76 -8.88 -3.87
N ASP A 196 -11.74 -8.74 -2.97
CA ASP A 196 -12.23 -7.41 -2.62
C ASP A 196 -11.18 -6.60 -1.87
N VAL A 197 -10.31 -7.27 -1.11
CA VAL A 197 -9.21 -6.56 -0.47
C VAL A 197 -8.24 -6.02 -1.51
N ARG A 198 -7.93 -6.84 -2.52
CA ARG A 198 -7.00 -6.43 -3.57
C ARG A 198 -7.55 -5.26 -4.37
N ILE A 199 -8.81 -5.37 -4.80
CA ILE A 199 -9.41 -4.31 -5.62
C ILE A 199 -9.55 -3.02 -4.81
N THR A 200 -9.95 -3.12 -3.54
CA THR A 200 -10.12 -1.93 -2.71
C THR A 200 -8.82 -1.15 -2.62
N ALA A 201 -7.70 -1.84 -2.44
CA ALA A 201 -6.41 -1.15 -2.40
C ALA A 201 -6.07 -0.55 -3.76
N ALA A 202 -6.35 -1.28 -4.85
CA ALA A 202 -6.05 -0.77 -6.17
C ALA A 202 -6.85 0.51 -6.46
N MET A 203 -8.13 0.52 -6.10
CA MET A 203 -8.96 1.69 -6.34
C MET A 203 -8.53 2.86 -5.45
N GLN A 204 -8.21 2.59 -4.18
CA GLN A 204 -7.80 3.66 -3.27
C GLN A 204 -6.40 4.18 -3.57
N GLY A 205 -5.51 3.33 -4.10
CA GLY A 205 -4.14 3.76 -4.38
C GLY A 205 -3.99 4.61 -5.62
N CYS A 206 -4.82 4.39 -6.63
CA CYS A 206 -4.65 5.04 -7.93
C CYS A 206 -4.83 6.55 -7.83
N ASP A 207 -4.19 7.28 -8.76
CA ASP A 207 -4.50 8.70 -8.90
C ASP A 207 -5.88 8.90 -9.50
N ALA A 208 -6.25 8.07 -10.47
CA ALA A 208 -7.55 8.19 -11.08
C ALA A 208 -8.06 6.80 -11.48
N ILE A 209 -9.37 6.66 -11.49
CA ILE A 209 -10.02 5.46 -11.96
C ILE A 209 -10.34 5.62 -13.43
N GLY A 210 -10.00 4.62 -14.24
CA GLY A 210 -10.36 4.60 -15.64
C GLY A 210 -11.37 3.50 -15.92
N ILE A 211 -12.41 3.85 -16.64
CA ILE A 211 -13.48 2.92 -17.00
C ILE A 211 -13.66 2.91 -18.51
N ARG A 212 -13.77 1.71 -19.05
CA ARG A 212 -13.99 1.52 -20.49
C ARG A 212 -15.50 1.59 -20.79
N THR A 213 -16.04 2.80 -20.71
CA THR A 213 -17.47 3.01 -20.89
C THR A 213 -17.71 4.48 -21.23
N CYS A 214 -18.98 4.81 -21.49
CA CYS A 214 -19.39 6.16 -21.83
C CYS A 214 -20.40 6.67 -20.81
N ARG A 215 -20.47 8.00 -20.67
CA ARG A 215 -21.38 8.58 -19.68
C ARG A 215 -22.84 8.31 -20.02
N GLU A 216 -23.18 8.33 -21.31
CA GLU A 216 -24.58 8.19 -21.70
C GLU A 216 -25.16 6.87 -21.19
N LEU A 217 -24.39 5.80 -21.26
CA LEU A 217 -24.84 4.51 -20.76
C LEU A 217 -24.71 4.40 -19.23
N GLU A 218 -23.60 4.88 -18.66
CA GLU A 218 -23.22 4.49 -17.31
C GLU A 218 -22.87 5.67 -16.42
N GLY A 219 -23.41 6.84 -16.71
CA GLY A 219 -23.06 8.03 -15.96
C GLY A 219 -23.31 7.94 -14.47
N PRO A 220 -24.49 7.45 -14.05
CA PRO A 220 -24.74 7.31 -12.61
C PRO A 220 -23.79 6.37 -11.89
N MET A 221 -23.38 5.26 -12.51
CA MET A 221 -22.43 4.36 -11.85
C MET A 221 -21.07 5.03 -11.65
N CYS A 222 -20.58 5.74 -12.67
CA CYS A 222 -19.26 6.36 -12.56
C CYS A 222 -19.22 7.39 -11.43
N ASP A 223 -20.27 8.21 -11.32
CA ASP A 223 -20.36 9.19 -10.23
C ASP A 223 -20.38 8.49 -8.87
N TYR A 224 -21.16 7.41 -8.76
CA TYR A 224 -21.19 6.68 -7.50
C TYR A 224 -19.80 6.17 -7.14
N LEU A 225 -19.07 5.64 -8.13
CA LEU A 225 -17.72 5.17 -7.85
C LEU A 225 -16.80 6.33 -7.48
N SER A 226 -16.96 7.49 -8.14
CA SER A 226 -16.14 8.64 -7.84
C SER A 226 -16.39 9.16 -6.43
N ALA A 227 -17.65 9.21 -6.02
CA ALA A 227 -17.96 9.58 -4.65
C ALA A 227 -17.44 8.54 -3.67
N GLN A 228 -17.65 7.26 -3.97
CA GLN A 228 -17.33 6.20 -3.01
C GLN A 228 -15.83 6.16 -2.72
N TYR A 229 -15.00 6.20 -3.77
CA TYR A 229 -13.56 6.12 -3.58
C TYR A 229 -12.89 7.48 -3.47
N ASN A 230 -13.66 8.56 -3.64
CA ASN A 230 -13.13 9.92 -3.57
C ASN A 230 -11.98 10.11 -4.56
N LYS A 231 -12.24 9.70 -5.80
CA LYS A 231 -11.28 9.78 -6.89
C LYS A 231 -11.96 10.30 -8.15
N PRO A 232 -11.22 10.96 -9.03
CA PRO A 232 -11.75 11.24 -10.36
C PRO A 232 -11.91 9.97 -11.19
N VAL A 233 -12.94 9.96 -12.02
CA VAL A 233 -13.22 8.84 -12.91
C VAL A 233 -13.06 9.32 -14.35
N PHE A 234 -12.18 8.64 -15.09
CA PHE A 234 -11.89 8.96 -16.49
C PHE A 234 -12.54 7.92 -17.38
N LEU A 235 -13.30 8.37 -18.38
CA LEU A 235 -14.01 7.47 -19.29
C LEU A 235 -13.30 7.46 -20.64
N SER A 236 -12.68 6.32 -20.97
CA SER A 236 -12.04 6.16 -22.28
C SER A 236 -13.05 6.01 -23.40
N GLY A 237 -14.27 5.56 -23.09
CA GLY A 237 -15.18 5.10 -24.09
C GLY A 237 -14.97 3.62 -24.29
N PRO A 238 -15.78 3.00 -25.17
CA PRO A 238 -15.66 1.54 -25.35
C PRO A 238 -14.35 1.09 -25.98
N VAL A 239 -13.66 1.97 -26.72
CA VAL A 239 -12.39 1.64 -27.37
C VAL A 239 -12.57 0.42 -28.25
N LEU A 240 -13.63 0.40 -29.04
CA LEU A 240 -13.88 -0.75 -29.90
C LEU A 240 -12.85 -0.80 -31.02
N PRO A 241 -12.24 -1.95 -31.29
CA PRO A 241 -11.30 -2.05 -32.42
C PRO A 241 -12.03 -1.91 -33.75
N GLU A 242 -11.25 -1.59 -34.79
CA GLU A 242 -11.81 -1.48 -36.13
C GLU A 242 -12.34 -2.84 -36.54
N SER A 243 -13.63 -2.93 -36.88
CA SER A 243 -14.11 -4.28 -37.11
C SER A 243 -13.61 -4.81 -38.46
N PRO A 244 -13.52 -6.12 -38.59
CA PRO A 244 -12.82 -6.71 -39.74
C PRO A 244 -13.39 -6.29 -41.10
N LYS A 245 -12.49 -5.91 -41.99
CA LYS A 245 -12.84 -5.56 -43.36
C LYS A 245 -12.68 -6.79 -44.26
N GLY A 246 -12.94 -6.60 -45.55
CA GLY A 246 -12.84 -7.70 -46.49
C GLY A 246 -14.17 -8.40 -46.65
N PRO A 247 -14.34 -9.12 -47.75
CA PRO A 247 -15.68 -9.66 -48.07
C PRO A 247 -16.12 -10.72 -47.09
N LEU A 248 -17.40 -10.71 -46.74
CA LEU A 248 -17.96 -11.80 -45.96
C LEU A 248 -17.89 -13.09 -46.78
N GLU A 249 -17.68 -14.20 -46.08
CA GLU A 249 -17.55 -15.49 -46.75
C GLU A 249 -18.73 -15.73 -47.68
N GLU A 250 -18.42 -16.10 -48.93
CA GLU A 250 -19.43 -16.10 -49.99
C GLU A 250 -20.57 -17.06 -49.70
N LYS A 251 -20.26 -18.21 -49.11
CA LYS A 251 -21.32 -19.19 -48.84
C LYS A 251 -22.38 -18.64 -47.91
N TRP A 252 -21.95 -17.84 -46.92
CA TRP A 252 -22.86 -17.22 -46.00
C TRP A 252 -23.63 -16.11 -46.63
N GLU A 253 -22.95 -15.31 -47.42
CA GLU A 253 -23.62 -14.25 -48.16
C GLU A 253 -24.66 -14.84 -49.11
N LYS A 254 -24.34 -15.96 -49.75
CA LYS A 254 -25.30 -16.60 -50.65
C LYS A 254 -26.48 -17.16 -49.88
N TRP A 255 -26.22 -17.85 -48.77
CA TRP A 255 -27.30 -18.44 -47.99
C TRP A 255 -28.19 -17.37 -47.37
N LEU A 256 -27.59 -16.30 -46.85
CA LEU A 256 -28.38 -15.20 -46.29
C LEU A 256 -29.23 -14.54 -47.36
N ASN A 257 -28.69 -14.43 -48.59
CA ASN A 257 -29.42 -13.76 -49.66
C ASN A 257 -30.68 -14.49 -50.08
N LYS A 258 -30.77 -15.79 -49.79
CA LYS A 258 -32.00 -16.53 -50.05
C LYS A 258 -33.17 -15.98 -49.24
N PHE A 259 -32.89 -15.40 -48.08
CA PHE A 259 -33.93 -14.94 -47.15
C PHE A 259 -34.27 -13.47 -47.34
N GLU A 260 -35.43 -13.10 -46.80
CA GLU A 260 -35.94 -11.73 -46.90
C GLU A 260 -35.17 -10.80 -45.96
N PRO A 261 -35.16 -9.50 -46.25
CA PRO A 261 -34.44 -8.56 -45.37
C PRO A 261 -35.01 -8.55 -43.96
N LYS A 262 -34.10 -8.47 -42.99
CA LYS A 262 -34.39 -8.37 -41.56
C LYS A 262 -35.07 -9.62 -41.02
N SER A 263 -35.04 -10.72 -41.77
CA SER A 263 -35.79 -11.91 -41.41
C SER A 263 -34.98 -12.99 -40.72
N VAL A 264 -33.65 -12.86 -40.67
CA VAL A 264 -32.78 -13.92 -40.17
C VAL A 264 -32.36 -13.59 -38.74
N VAL A 265 -32.41 -14.58 -37.87
CA VAL A 265 -31.98 -14.46 -36.48
C VAL A 265 -30.55 -15.00 -36.38
N TYR A 266 -29.63 -14.15 -35.95
CA TYR A 266 -28.23 -14.53 -35.77
C TYR A 266 -27.95 -14.70 -34.29
N CYS A 267 -27.20 -15.75 -33.94
CA CYS A 267 -26.90 -16.07 -32.55
C CYS A 267 -25.43 -16.38 -32.38
N ALA A 268 -24.80 -15.72 -31.42
CA ALA A 268 -23.45 -16.08 -31.01
C ALA A 268 -23.24 -15.67 -29.55
N PHE A 269 -22.41 -16.44 -28.85
CA PHE A 269 -22.17 -16.25 -27.43
C PHE A 269 -20.70 -15.90 -27.14
N GLY A 270 -20.04 -15.23 -28.09
CA GLY A 270 -18.68 -14.78 -27.84
C GLY A 270 -17.65 -15.85 -28.14
N SER A 271 -16.40 -15.52 -27.80
CA SER A 271 -15.28 -16.40 -28.09
C SER A 271 -14.90 -17.32 -26.93
N GLN A 272 -15.39 -17.07 -25.72
CA GLN A 272 -15.05 -17.86 -24.55
C GLN A 272 -16.07 -18.95 -24.24
N MET A 273 -17.37 -18.64 -24.30
CA MET A 273 -18.39 -19.54 -23.79
C MET A 273 -18.53 -20.80 -24.62
N ILE A 274 -18.62 -21.94 -23.93
CA ILE A 274 -18.99 -23.23 -24.52
C ILE A 274 -20.15 -23.80 -23.71
N LEU A 275 -21.26 -24.07 -24.37
CA LEU A 275 -22.47 -24.58 -23.72
C LEU A 275 -22.33 -26.06 -23.36
N GLN A 276 -23.04 -26.47 -22.32
CA GLN A 276 -23.25 -27.89 -22.04
C GLN A 276 -24.22 -28.48 -23.06
N LYS A 277 -24.14 -29.80 -23.25
CA LYS A 277 -24.91 -30.45 -24.31
C LYS A 277 -26.42 -30.25 -24.13
N ASN A 278 -26.92 -30.42 -22.90
CA ASN A 278 -28.35 -30.27 -22.71
C ASN A 278 -28.81 -28.84 -22.98
N GLN A 279 -28.04 -27.85 -22.51
CA GLN A 279 -28.33 -26.46 -22.86
C GLN A 279 -28.13 -26.21 -24.35
N PHE A 280 -27.13 -26.85 -24.97
CA PHE A 280 -26.92 -26.68 -26.40
C PHE A 280 -28.13 -27.21 -27.18
N GLN A 281 -28.58 -28.42 -26.84
CA GLN A 281 -29.76 -28.97 -27.51
C GLN A 281 -30.98 -28.09 -27.26
N GLU A 282 -31.15 -27.64 -26.02
CA GLU A 282 -32.29 -26.80 -25.68
C GLU A 282 -32.29 -25.51 -26.50
N LEU A 283 -31.10 -24.97 -26.78
CA LEU A 283 -31.01 -23.72 -27.54
C LEU A 283 -31.43 -23.93 -29.00
N VAL A 284 -30.89 -24.96 -29.65
CA VAL A 284 -31.20 -25.16 -31.07
C VAL A 284 -32.68 -25.48 -31.24
N LEU A 285 -33.28 -26.21 -30.30
CA LEU A 285 -34.71 -26.49 -30.37
C LEU A 285 -35.54 -25.22 -30.19
N GLY A 286 -35.06 -24.30 -29.34
CA GLY A 286 -35.73 -23.02 -29.22
C GLY A 286 -35.74 -22.24 -30.51
N PHE A 287 -34.62 -22.27 -31.24
CA PHE A 287 -34.56 -21.64 -32.55
C PHE A 287 -35.48 -22.34 -33.54
N GLU A 288 -35.54 -23.68 -33.49
CA GLU A 288 -36.45 -24.39 -34.38
C GLU A 288 -37.90 -24.02 -34.11
N MET A 289 -38.24 -23.79 -32.84
CA MET A 289 -39.63 -23.51 -32.47
C MET A 289 -40.13 -22.22 -33.12
N THR A 290 -39.26 -21.21 -33.25
CA THR A 290 -39.72 -19.92 -33.76
C THR A 290 -40.27 -20.02 -35.18
N GLY A 291 -39.78 -20.96 -35.97
CA GLY A 291 -40.15 -21.07 -37.36
C GLY A 291 -39.48 -20.07 -38.27
N LEU A 292 -38.66 -19.17 -37.73
CA LEU A 292 -37.94 -18.17 -38.49
C LEU A 292 -36.60 -18.71 -38.96
N PRO A 293 -36.00 -18.09 -39.99
CA PRO A 293 -34.64 -18.46 -40.37
C PRO A 293 -33.65 -18.13 -39.26
N PHE A 294 -32.68 -19.01 -39.05
CA PHE A 294 -31.70 -18.78 -37.99
C PHE A 294 -30.29 -19.15 -38.44
N PHE A 295 -29.34 -18.34 -37.97
CA PHE A 295 -27.91 -18.56 -38.15
C PHE A 295 -27.30 -18.50 -36.76
N VAL A 296 -26.85 -19.65 -36.23
CA VAL A 296 -26.25 -19.69 -34.91
C VAL A 296 -24.83 -20.23 -35.05
N ALA A 297 -23.87 -19.45 -34.54
CA ALA A 297 -22.45 -19.79 -34.55
C ALA A 297 -22.04 -20.04 -33.11
N LEU A 298 -21.78 -21.30 -32.78
CA LEU A 298 -21.53 -21.70 -31.41
C LEU A 298 -20.46 -22.78 -31.44
N SER A 299 -19.61 -22.80 -30.42
CA SER A 299 -18.70 -23.92 -30.29
C SER A 299 -19.47 -25.17 -29.88
N LYS A 300 -19.01 -26.32 -30.37
CA LYS A 300 -19.62 -27.56 -29.95
C LYS A 300 -19.37 -27.78 -28.45
N PRO A 301 -20.30 -28.44 -27.76
CA PRO A 301 -20.13 -28.68 -26.32
C PRO A 301 -18.90 -29.54 -26.03
N HIS A 302 -18.32 -29.33 -24.84
CA HIS A 302 -17.08 -30.01 -24.47
C HIS A 302 -17.21 -31.52 -24.64
N GLY A 303 -16.19 -32.12 -25.22
CA GLY A 303 -16.14 -33.57 -25.35
C GLY A 303 -16.96 -34.15 -26.47
N ALA A 304 -17.63 -33.33 -27.27
CA ALA A 304 -18.47 -33.81 -28.35
C ALA A 304 -17.65 -33.86 -29.62
N ASP A 305 -17.87 -34.90 -30.43
CA ASP A 305 -17.08 -35.08 -31.64
C ASP A 305 -17.36 -33.99 -32.66
N SER A 306 -18.62 -33.60 -32.82
CA SER A 306 -18.99 -32.63 -33.84
C SER A 306 -20.25 -31.92 -33.42
N ILE A 307 -20.57 -30.85 -34.14
CA ILE A 307 -21.84 -30.16 -33.92
C ILE A 307 -23.00 -31.12 -34.16
N GLU A 308 -22.91 -31.94 -35.21
CA GLU A 308 -23.99 -32.86 -35.55
C GLU A 308 -24.20 -33.92 -34.46
N GLU A 309 -23.11 -34.46 -33.91
CA GLU A 309 -23.24 -35.45 -32.85
C GLU A 309 -23.89 -34.86 -31.60
N ALA A 310 -23.58 -33.60 -31.29
CA ALA A 310 -24.19 -32.95 -30.14
C ALA A 310 -25.67 -32.65 -30.37
N LEU A 311 -26.08 -32.48 -31.62
CA LEU A 311 -27.44 -32.07 -31.92
C LEU A 311 -28.45 -33.13 -31.49
N PRO A 312 -29.65 -32.73 -31.11
CA PRO A 312 -30.70 -33.71 -30.83
C PRO A 312 -31.11 -34.44 -32.11
N GLU A 313 -31.53 -35.69 -31.93
CA GLU A 313 -31.79 -36.56 -33.07
C GLU A 313 -32.91 -36.01 -33.94
N GLY A 314 -32.70 -36.06 -35.25
CA GLY A 314 -33.70 -35.58 -36.18
C GLY A 314 -33.73 -34.09 -36.37
N PHE A 315 -32.89 -33.34 -35.66
CA PHE A 315 -32.95 -31.88 -35.74
C PHE A 315 -32.64 -31.41 -37.14
N LEU A 316 -31.53 -31.89 -37.69
CA LEU A 316 -31.09 -31.47 -39.03
C LEU A 316 -32.17 -31.66 -40.07
N GLU A 317 -32.75 -32.85 -40.16
CA GLU A 317 -33.71 -33.08 -41.22
C GLU A 317 -34.96 -32.23 -41.14
N ARG A 318 -35.51 -32.01 -39.95
CA ARG A 318 -36.64 -31.14 -39.82
C ARG A 318 -36.35 -29.71 -40.21
N VAL A 319 -35.22 -29.17 -39.81
CA VAL A 319 -34.94 -27.76 -40.05
C VAL A 319 -34.76 -27.51 -41.53
N GLY A 320 -34.09 -28.43 -42.23
CA GLY A 320 -33.81 -28.20 -43.64
C GLY A 320 -32.96 -26.96 -43.82
N ASP A 321 -33.33 -26.14 -44.80
CA ASP A 321 -32.60 -24.94 -45.14
C ASP A 321 -33.00 -23.73 -44.30
N ARG A 322 -33.91 -23.91 -43.34
CA ARG A 322 -34.33 -22.80 -42.49
C ARG A 322 -33.17 -22.28 -41.65
N GLY A 323 -32.35 -23.18 -41.10
CA GLY A 323 -31.36 -22.80 -40.12
C GLY A 323 -29.99 -23.40 -40.40
N VAL A 324 -28.99 -22.75 -39.83
CA VAL A 324 -27.61 -23.21 -39.86
C VAL A 324 -27.08 -23.22 -38.43
N VAL A 325 -26.46 -24.33 -38.03
CA VAL A 325 -25.70 -24.40 -36.78
C VAL A 325 -24.25 -24.68 -37.16
N HIS A 326 -23.37 -23.76 -36.82
CA HIS A 326 -22.00 -23.76 -37.32
C HIS A 326 -21.01 -23.76 -36.17
N GLY A 327 -20.11 -24.75 -36.16
CA GLY A 327 -19.11 -24.88 -35.13
C GLY A 327 -17.90 -23.98 -35.27
N GLY A 328 -17.78 -23.25 -36.37
CA GLY A 328 -16.61 -22.45 -36.63
C GLY A 328 -16.75 -20.97 -36.30
N TRP A 329 -15.60 -20.31 -36.24
CA TRP A 329 -15.54 -18.86 -36.09
C TRP A 329 -16.10 -18.17 -37.34
N VAL A 330 -16.84 -17.09 -37.15
CA VAL A 330 -17.47 -16.37 -38.25
C VAL A 330 -17.20 -14.88 -38.15
N GLN A 331 -17.39 -14.18 -39.26
CA GLN A 331 -17.26 -12.73 -39.33
C GLN A 331 -18.54 -12.10 -38.80
N GLN A 332 -18.59 -11.92 -37.47
CA GLN A 332 -19.82 -11.49 -36.81
C GLN A 332 -20.27 -10.12 -37.30
N THR A 333 -19.34 -9.17 -37.39
CA THR A 333 -19.72 -7.81 -37.75
C THR A 333 -20.28 -7.75 -39.17
N GLN A 334 -19.66 -8.48 -40.10
CA GLN A 334 -20.15 -8.48 -41.48
C GLN A 334 -21.51 -9.13 -41.57
N ILE A 335 -21.73 -10.18 -40.79
CA ILE A 335 -23.03 -10.87 -40.79
C ILE A 335 -24.11 -9.97 -40.20
N LEU A 336 -23.80 -9.28 -39.09
CA LEU A 336 -24.77 -8.35 -38.51
C LEU A 336 -25.16 -7.27 -39.50
N ASN A 337 -24.20 -6.81 -40.31
CA ASN A 337 -24.43 -5.75 -41.27
C ASN A 337 -25.15 -6.23 -42.52
N HIS A 338 -25.29 -7.54 -42.71
CA HIS A 338 -26.03 -8.08 -43.82
C HIS A 338 -27.50 -7.69 -43.72
N GLN A 339 -28.11 -7.34 -44.86
CA GLN A 339 -29.47 -6.84 -44.87
C GLN A 339 -30.48 -7.90 -44.43
N SER A 340 -30.18 -9.17 -44.68
CA SER A 340 -31.11 -10.24 -44.30
C SER A 340 -31.22 -10.39 -42.79
N VAL A 341 -30.18 -10.03 -42.05
CA VAL A 341 -30.15 -10.26 -40.61
C VAL A 341 -30.98 -9.19 -39.90
N GLY A 342 -31.92 -9.64 -39.07
CA GLY A 342 -32.77 -8.73 -38.34
C GLY A 342 -32.76 -8.86 -36.83
N CYS A 343 -32.14 -9.92 -36.31
CA CYS A 343 -32.14 -10.16 -34.87
C CYS A 343 -30.81 -10.78 -34.46
N PHE A 344 -30.32 -10.38 -33.28
CA PHE A 344 -29.08 -10.91 -32.72
C PHE A 344 -29.36 -11.42 -31.31
N VAL A 345 -29.16 -12.71 -31.11
CA VAL A 345 -29.27 -13.34 -29.79
C VAL A 345 -27.87 -13.54 -29.26
N SER A 346 -27.54 -12.89 -28.15
CA SER A 346 -26.19 -12.94 -27.62
C SER A 346 -26.24 -13.02 -26.10
N HIS A 347 -25.07 -13.24 -25.52
CA HIS A 347 -24.91 -13.30 -24.07
C HIS A 347 -24.65 -11.94 -23.45
N CYS A 348 -24.70 -10.87 -24.24
CA CYS A 348 -24.40 -9.52 -23.76
C CYS A 348 -22.97 -9.44 -23.23
N GLY A 349 -22.07 -10.17 -23.87
CA GLY A 349 -20.65 -9.89 -23.68
C GLY A 349 -20.31 -8.50 -24.21
N PHE A 350 -19.17 -7.98 -23.75
CA PHE A 350 -18.88 -6.58 -24.00
C PHE A 350 -18.87 -6.27 -25.49
N GLY A 351 -18.13 -7.05 -26.27
CA GLY A 351 -18.04 -6.78 -27.70
C GLY A 351 -19.38 -6.94 -28.40
N SER A 352 -20.09 -8.03 -28.09
CA SER A 352 -21.40 -8.27 -28.71
C SER A 352 -22.42 -7.20 -28.32
N MET A 353 -22.34 -6.70 -27.09
CA MET A 353 -23.29 -5.67 -26.66
C MET A 353 -23.14 -4.41 -27.49
N TRP A 354 -21.91 -3.95 -27.68
CA TRP A 354 -21.67 -2.75 -28.47
C TRP A 354 -22.00 -2.98 -29.94
N GLU A 355 -21.67 -4.15 -30.47
CA GLU A 355 -22.04 -4.45 -31.86
C GLU A 355 -23.55 -4.48 -32.03
N SER A 356 -24.28 -5.01 -31.05
CA SER A 356 -25.74 -4.98 -31.10
C SER A 356 -26.26 -3.55 -31.07
N LEU A 357 -25.68 -2.71 -30.21
CA LEU A 357 -26.11 -1.32 -30.10
C LEU A 357 -25.86 -0.55 -31.39
N LEU A 358 -24.71 -0.81 -32.04
CA LEU A 358 -24.38 -0.12 -33.28
C LEU A 358 -25.19 -0.64 -34.46
N SER A 359 -25.61 -1.90 -34.43
CA SER A 359 -26.40 -2.49 -35.50
C SER A 359 -27.83 -1.97 -35.47
N ASP A 360 -28.57 -2.30 -36.53
CA ASP A 360 -30.02 -2.10 -36.56
C ASP A 360 -30.81 -3.35 -36.22
N SER A 361 -30.13 -4.43 -35.84
CA SER A 361 -30.83 -5.66 -35.52
C SER A 361 -31.54 -5.56 -34.16
N GLN A 362 -32.59 -6.35 -34.01
CA GLN A 362 -33.23 -6.46 -32.71
C GLN A 362 -32.31 -7.20 -31.75
N ILE A 363 -32.39 -6.85 -30.48
CA ILE A 363 -31.45 -7.33 -29.47
C ILE A 363 -32.18 -8.25 -28.51
N VAL A 364 -31.69 -9.49 -28.39
CA VAL A 364 -32.19 -10.49 -27.45
C VAL A 364 -31.00 -10.99 -26.64
N LEU A 365 -31.13 -11.00 -25.32
CA LEU A 365 -29.99 -11.21 -24.43
C LEU A 365 -30.17 -12.46 -23.58
N VAL A 366 -29.16 -13.32 -23.57
CA VAL A 366 -29.13 -14.51 -22.74
C VAL A 366 -27.85 -14.49 -21.91
N PRO A 367 -27.76 -13.64 -20.88
CA PRO A 367 -26.50 -13.48 -20.16
C PRO A 367 -26.21 -14.67 -19.25
N ARG A 368 -24.91 -14.88 -19.00
CA ARG A 368 -24.46 -15.89 -18.04
C ARG A 368 -23.73 -15.24 -16.87
N LEU A 369 -22.67 -14.47 -17.14
CA LEU A 369 -21.84 -13.90 -16.08
C LEU A 369 -22.48 -12.64 -15.52
N ALA A 370 -21.96 -12.20 -14.36
CA ALA A 370 -22.57 -11.10 -13.64
C ALA A 370 -22.59 -9.81 -14.45
N ASP A 371 -21.51 -9.53 -15.20
CA ASP A 371 -21.51 -8.33 -16.03
C ASP A 371 -22.53 -8.42 -17.15
N GLN A 372 -22.65 -9.60 -17.76
CA GLN A 372 -23.62 -9.78 -18.81
C GLN A 372 -25.04 -9.60 -18.28
N ILE A 373 -25.31 -10.04 -17.05
CA ILE A 373 -26.64 -9.87 -16.49
C ILE A 373 -26.91 -8.39 -16.23
N LEU A 374 -25.97 -7.70 -15.59
CA LEU A 374 -26.16 -6.29 -15.27
C LEU A 374 -26.29 -5.46 -16.55
N ASN A 375 -25.46 -5.77 -17.56
CA ASN A 375 -25.60 -5.07 -18.84
C ASN A 375 -26.91 -5.42 -19.52
N THR A 376 -27.38 -6.65 -19.34
CA THR A 376 -28.70 -7.03 -19.85
C THR A 376 -29.80 -6.23 -19.16
N ARG A 377 -29.67 -6.02 -17.85
CA ARG A 377 -30.66 -5.22 -17.12
C ARG A 377 -30.66 -3.78 -17.61
N LEU A 378 -29.49 -3.24 -17.91
CA LEU A 378 -29.40 -1.88 -18.44
C LEU A 378 -30.11 -1.77 -19.78
N LEU A 379 -29.83 -2.70 -20.69
CA LEU A 379 -30.39 -2.63 -22.04
C LEU A 379 -31.87 -3.00 -22.04
N ALA A 380 -32.22 -4.12 -21.41
CA ALA A 380 -33.60 -4.59 -21.49
C ALA A 380 -34.52 -3.80 -20.56
N GLU A 381 -34.09 -3.52 -19.34
CA GLU A 381 -34.96 -2.94 -18.33
C GLU A 381 -34.85 -1.43 -18.22
N GLU A 382 -33.63 -0.89 -18.12
CA GLU A 382 -33.50 0.57 -18.00
C GLU A 382 -33.73 1.26 -19.34
N LEU A 383 -33.01 0.85 -20.37
CA LEU A 383 -33.09 1.52 -21.67
C LEU A 383 -34.23 1.00 -22.54
N LYS A 384 -34.66 -0.24 -22.34
CA LYS A 384 -35.71 -0.87 -23.15
C LYS A 384 -35.36 -0.86 -24.64
N VAL A 385 -34.08 -1.16 -24.94
CA VAL A 385 -33.65 -1.37 -26.31
C VAL A 385 -33.57 -2.85 -26.65
N ALA A 386 -33.90 -3.74 -25.72
CA ALA A 386 -33.75 -5.16 -25.93
C ALA A 386 -34.72 -5.90 -25.02
N VAL A 387 -34.81 -7.21 -25.24
CA VAL A 387 -35.57 -8.08 -24.36
C VAL A 387 -34.61 -9.10 -23.79
N GLU A 388 -34.94 -9.58 -22.59
CA GLU A 388 -34.13 -10.58 -21.90
C GLU A 388 -34.88 -11.90 -21.86
N VAL A 389 -34.16 -12.98 -22.10
CA VAL A 389 -34.73 -14.32 -21.95
C VAL A 389 -34.82 -14.65 -20.46
N GLU A 390 -35.95 -15.24 -20.06
CA GLU A 390 -36.07 -15.74 -18.70
C GLU A 390 -35.15 -16.95 -18.51
N ARG A 391 -34.58 -17.08 -17.32
CA ARG A 391 -33.56 -18.08 -17.06
C ARG A 391 -33.80 -18.80 -15.75
N GLY A 392 -33.30 -20.04 -15.67
CA GLY A 392 -33.47 -20.87 -14.49
C GLY A 392 -32.35 -20.74 -13.47
N ASP A 393 -32.36 -21.68 -12.52
CA ASP A 393 -31.56 -21.55 -11.30
C ASP A 393 -30.06 -21.47 -11.58
N MET A 394 -29.56 -22.29 -12.49
CA MET A 394 -28.15 -22.25 -12.83
C MET A 394 -27.83 -21.32 -13.98
N GLY A 395 -28.77 -20.44 -14.35
CA GLY A 395 -28.69 -19.73 -15.61
C GLY A 395 -29.29 -20.47 -16.77
N TRP A 396 -29.83 -21.68 -16.54
CA TRP A 396 -30.41 -22.48 -17.60
C TRP A 396 -31.62 -21.77 -18.22
N PHE A 397 -31.75 -21.88 -19.54
CA PHE A 397 -32.88 -21.29 -20.25
C PHE A 397 -33.60 -22.36 -21.07
N SER A 398 -34.93 -22.32 -21.02
CA SER A 398 -35.80 -23.23 -21.76
C SER A 398 -35.97 -22.77 -23.20
N LYS A 399 -36.31 -23.73 -24.07
CA LYS A 399 -36.54 -23.42 -25.48
C LYS A 399 -37.79 -22.57 -25.67
N GLU A 400 -38.79 -22.76 -24.83
CA GLU A 400 -40.02 -21.98 -24.95
C GLU A 400 -39.75 -20.52 -24.61
N ASP A 401 -39.00 -20.27 -23.54
CA ASP A 401 -38.67 -18.90 -23.18
C ASP A 401 -37.83 -18.23 -24.25
N LEU A 402 -36.85 -18.95 -24.80
CA LEU A 402 -36.06 -18.37 -25.88
C LEU A 402 -36.93 -18.10 -27.11
N CYS A 403 -37.79 -19.05 -27.46
CA CYS A 403 -38.65 -18.85 -28.62
C CYS A 403 -39.56 -17.64 -28.43
N LYS A 404 -40.16 -17.50 -27.25
CA LYS A 404 -41.09 -16.40 -27.03
C LYS A 404 -40.37 -15.06 -27.09
N ALA A 405 -39.16 -14.99 -26.55
CA ALA A 405 -38.41 -13.73 -26.58
C ALA A 405 -38.09 -13.31 -28.01
N ILE A 406 -37.61 -14.24 -28.82
CA ILE A 406 -37.30 -13.93 -30.22
C ILE A 406 -38.55 -13.50 -30.96
N LYS A 407 -39.66 -14.21 -30.73
CA LYS A 407 -40.89 -13.84 -31.40
C LYS A 407 -41.37 -12.46 -30.96
N SER A 408 -41.16 -12.11 -29.68
CA SER A 408 -41.64 -10.82 -29.19
C SER A 408 -40.96 -9.66 -29.92
N VAL A 409 -39.69 -9.81 -30.30
CA VAL A 409 -39.04 -8.73 -31.05
C VAL A 409 -39.29 -8.86 -32.56
N MET A 410 -39.44 -10.08 -33.08
CA MET A 410 -39.41 -10.28 -34.53
C MET A 410 -40.76 -9.98 -35.19
N ASP A 411 -41.87 -10.34 -34.55
CA ASP A 411 -43.18 -10.11 -35.15
C ASP A 411 -43.46 -8.61 -35.31
N GLU A 412 -43.96 -8.24 -36.51
CA GLU A 412 -44.41 -6.87 -36.74
C GLU A 412 -45.60 -6.54 -35.86
N GLU A 413 -46.42 -7.55 -35.55
CA GLU A 413 -47.59 -7.34 -34.68
C GLU A 413 -47.17 -6.88 -33.28
N SER A 414 -46.13 -7.50 -32.72
CA SER A 414 -45.80 -7.33 -31.31
C SER A 414 -45.48 -5.86 -30.98
N GLU A 415 -46.17 -5.34 -29.97
CA GLU A 415 -45.91 -3.97 -29.53
C GLU A 415 -44.54 -3.84 -28.88
N VAL A 416 -44.10 -4.87 -28.14
CA VAL A 416 -42.79 -4.79 -27.50
C VAL A 416 -41.68 -4.70 -28.54
N GLY A 417 -41.86 -5.37 -29.68
CA GLY A 417 -40.85 -5.30 -30.73
C GLY A 417 -40.73 -3.91 -31.31
N LYS A 418 -41.86 -3.26 -31.57
CA LYS A 418 -41.85 -1.88 -32.04
C LYS A 418 -41.19 -0.97 -31.02
N LEU A 419 -41.46 -1.21 -29.73
CA LEU A 419 -40.94 -0.33 -28.68
C LEU A 419 -39.42 -0.45 -28.54
N VAL A 420 -38.90 -1.67 -28.50
CA VAL A 420 -37.45 -1.83 -28.34
C VAL A 420 -36.72 -1.32 -29.58
N LYS A 421 -37.31 -1.52 -30.76
CA LYS A 421 -36.70 -1.04 -32.00
C LYS A 421 -36.63 0.48 -32.03
N LYS A 422 -37.72 1.16 -31.62
CA LYS A 422 -37.70 2.62 -31.60
C LYS A 422 -36.65 3.13 -30.61
N ASN A 423 -36.60 2.53 -29.42
CA ASN A 423 -35.59 2.91 -28.44
C ASN A 423 -34.20 2.56 -28.94
N HIS A 424 -34.06 1.42 -29.61
CA HIS A 424 -32.76 1.05 -30.17
C HIS A 424 -32.29 2.07 -31.21
N ALA A 425 -33.20 2.56 -32.06
CA ALA A 425 -32.82 3.54 -33.07
C ALA A 425 -32.31 4.83 -32.43
N LYS A 426 -32.97 5.30 -31.37
CA LYS A 426 -32.56 6.54 -30.72
C LYS A 426 -31.15 6.43 -30.16
N TRP A 427 -30.84 5.31 -29.49
CA TRP A 427 -29.49 5.15 -28.93
C TRP A 427 -28.46 4.99 -30.03
N ARG A 428 -28.77 4.17 -31.04
CA ARG A 428 -27.84 4.01 -32.14
C ARG A 428 -27.49 5.35 -32.74
N GLU A 429 -28.39 6.27 -32.92
CA GLU A 429 -27.96 7.35 -33.74
C GLU A 429 -27.21 8.40 -32.93
N THR A 430 -27.28 8.28 -31.63
CA THR A 430 -26.33 8.91 -30.71
C THR A 430 -24.99 8.21 -30.79
N LEU A 431 -25.00 6.88 -30.73
CA LEU A 431 -23.75 6.15 -30.61
C LEU A 431 -22.93 6.23 -31.91
N VAL A 432 -23.58 6.24 -33.07
CA VAL A 432 -22.85 6.23 -34.34
C VAL A 432 -22.52 7.62 -34.88
N SER A 433 -22.98 8.68 -34.24
CA SER A 433 -22.77 10.03 -34.76
C SER A 433 -21.27 10.35 -34.83
N PRO A 434 -20.85 11.13 -35.83
CA PRO A 434 -19.41 11.36 -36.01
C PRO A 434 -18.79 12.10 -34.83
N GLY A 435 -17.61 11.62 -34.41
CA GLY A 435 -16.87 12.20 -33.30
C GLY A 435 -17.21 11.67 -31.92
N TYR A 436 -18.23 10.81 -31.79
CA TYR A 436 -18.67 10.37 -30.47
C TYR A 436 -17.59 9.54 -29.77
N MET A 437 -17.07 8.52 -30.45
CA MET A 437 -15.98 7.73 -29.87
C MET A 437 -14.75 8.60 -29.66
N ASP A 438 -14.39 9.39 -30.67
CA ASP A 438 -13.16 10.17 -30.64
C ASP A 438 -13.18 11.22 -29.52
N ASN A 439 -14.36 11.80 -29.25
CA ASN A 439 -14.45 12.76 -28.15
C ASN A 439 -14.02 12.12 -26.84
N TYR A 440 -14.43 10.87 -26.60
CA TYR A 440 -14.05 10.19 -25.38
C TYR A 440 -12.55 9.97 -25.32
N LEU A 441 -11.95 9.55 -26.43
CA LEU A 441 -10.50 9.37 -26.44
C LEU A 441 -9.77 10.68 -26.15
N GLU A 442 -10.20 11.77 -26.81
CA GLU A 442 -9.53 13.05 -26.63
C GLU A 442 -9.69 13.56 -25.20
N ASP A 443 -10.91 13.47 -24.64
CA ASP A 443 -11.11 13.94 -23.27
C ASP A 443 -10.36 13.06 -22.27
N PHE A 444 -10.26 11.77 -22.57
CA PHE A 444 -9.47 10.87 -21.72
C PHE A 444 -8.00 11.29 -21.72
N ILE A 445 -7.44 11.53 -22.91
CA ILE A 445 -6.04 11.96 -23.00
C ILE A 445 -5.85 13.28 -22.26
N GLN A 446 -6.81 14.21 -22.44
CA GLN A 446 -6.72 15.49 -21.75
C GLN A 446 -6.77 15.31 -20.24
N GLN A 447 -7.58 14.38 -19.76
CA GLN A 447 -7.62 14.10 -18.32
C GLN A 447 -6.30 13.51 -17.82
N LEU A 448 -5.63 12.70 -18.64
CA LEU A 448 -4.32 12.17 -18.26
C LEU A 448 -3.33 13.30 -18.03
N TYR A 449 -3.45 14.38 -18.80
CA TYR A 449 -2.54 15.52 -18.68
C TYR A 449 -2.70 16.25 -17.35
N GLY A 450 -3.91 16.30 -16.80
CA GLY A 450 -4.16 17.01 -15.56
C GLY A 450 -3.54 16.45 -14.29
N LYS B 1 -17.84 8.56 21.15
CA LYS B 1 -17.22 7.62 20.24
C LYS B 1 -16.71 6.40 21.01
N PRO B 2 -16.74 5.22 20.40
CA PRO B 2 -16.18 4.05 21.08
C PRO B 2 -14.67 4.16 21.17
N LYS B 3 -14.12 3.64 22.26
CA LYS B 3 -12.68 3.61 22.43
C LYS B 3 -12.05 2.65 21.41
N LEU B 4 -10.80 2.93 21.08
CA LEU B 4 -10.05 2.09 20.17
C LEU B 4 -9.45 0.88 20.91
N HIS B 5 -9.29 -0.21 20.18
CA HIS B 5 -8.51 -1.35 20.62
C HIS B 5 -7.24 -1.38 19.77
N ILE B 6 -6.09 -1.19 20.41
CA ILE B 6 -4.81 -1.09 19.73
C ILE B 6 -3.91 -2.22 20.20
N THR B 7 -3.28 -2.90 19.24
CA THR B 7 -2.26 -3.91 19.54
C THR B 7 -0.90 -3.37 19.09
N MET B 8 0.10 -3.52 19.94
CA MET B 8 1.45 -3.06 19.65
C MET B 8 2.37 -4.27 19.53
N PHE B 9 3.17 -4.31 18.45
CA PHE B 9 4.17 -5.35 18.26
C PHE B 9 5.51 -4.69 17.94
N PRO B 10 6.28 -4.32 18.95
CA PRO B 10 7.56 -3.65 18.70
C PRO B 10 8.69 -4.63 18.44
N TRP B 11 9.76 -4.10 17.85
CA TRP B 11 10.99 -4.86 17.69
C TRP B 11 11.53 -5.26 19.06
N VAL B 12 12.22 -6.40 19.09
CA VAL B 12 12.63 -7.01 20.36
C VAL B 12 13.87 -6.31 20.91
N ALA B 13 13.74 -5.04 21.28
CA ALA B 13 14.79 -4.34 22.00
C ALA B 13 14.15 -3.47 23.07
N ILE B 14 14.82 -3.39 24.23
CA ILE B 14 14.28 -2.60 25.34
C ILE B 14 14.08 -1.15 24.91
N GLY B 15 14.98 -0.63 24.06
CA GLY B 15 14.87 0.72 23.56
C GLY B 15 13.68 0.94 22.64
N HIS B 16 13.16 -0.13 22.04
CA HIS B 16 11.93 -0.01 21.26
C HIS B 16 10.69 -0.28 22.10
N ILE B 17 10.72 -1.29 22.97
CA ILE B 17 9.53 -1.68 23.72
C ILE B 17 9.10 -0.56 24.68
N THR B 18 10.06 0.04 25.39
CA THR B 18 9.72 1.03 26.42
C THR B 18 8.97 2.24 25.86
N PRO B 19 9.41 2.90 24.77
CA PRO B 19 8.60 4.01 24.23
C PRO B 19 7.20 3.57 23.80
N PHE B 20 7.08 2.37 23.24
CA PHE B 20 5.75 1.85 22.92
C PHE B 20 4.89 1.78 24.18
N ILE B 21 5.50 1.35 25.29
CA ILE B 21 4.79 1.33 26.57
C ILE B 21 4.43 2.75 27.00
N HIS B 22 5.32 3.71 26.74
CA HIS B 22 5.01 5.10 27.07
C HIS B 22 3.78 5.58 26.31
N LEU B 23 3.71 5.29 25.01
CA LEU B 23 2.53 5.65 24.24
C LEU B 23 1.32 4.90 24.75
N ALA B 24 1.49 3.62 25.11
CA ALA B 24 0.37 2.82 25.59
C ALA B 24 -0.21 3.38 26.88
N ASN B 25 0.66 3.86 27.78
CA ASN B 25 0.16 4.44 29.03
C ASN B 25 -0.65 5.70 28.74
N GLU B 26 -0.15 6.55 27.83
CA GLU B 26 -0.88 7.76 27.47
C GLU B 26 -2.20 7.44 26.80
N LEU B 27 -2.24 6.42 25.93
CA LEU B 27 -3.47 6.07 25.26
C LEU B 27 -4.49 5.50 26.24
N ALA B 28 -4.05 4.60 27.14
CA ALA B 28 -4.95 4.02 28.12
C ALA B 28 -5.51 5.08 29.06
N LYS B 29 -4.73 6.12 29.35
CA LYS B 29 -5.22 7.22 30.17
C LYS B 29 -6.48 7.83 29.59
N ARG B 30 -6.58 7.87 28.27
CA ARG B 30 -7.76 8.35 27.57
C ARG B 30 -8.76 7.23 27.28
N GLY B 31 -8.54 6.04 27.83
CA GLY B 31 -9.56 5.00 27.82
C GLY B 31 -9.46 3.95 26.73
N HIS B 32 -8.42 3.98 25.90
CA HIS B 32 -8.29 2.96 24.86
C HIS B 32 -7.65 1.70 25.40
N SER B 33 -8.02 0.56 24.80
CA SER B 33 -7.52 -0.74 25.20
C SER B 33 -6.28 -1.10 24.40
N ILE B 34 -5.22 -1.51 25.09
CA ILE B 34 -3.93 -1.79 24.49
C ILE B 34 -3.53 -3.23 24.83
N SER B 35 -3.15 -3.99 23.82
CA SER B 35 -2.50 -5.29 24.01
C SER B 35 -1.10 -5.19 23.44
N ILE B 36 -0.10 -5.53 24.23
CA ILE B 36 1.29 -5.40 23.85
C ILE B 36 1.93 -6.79 23.81
N LEU B 37 2.54 -7.12 22.68
CA LEU B 37 3.10 -8.45 22.47
C LEU B 37 4.62 -8.37 22.58
N ILE B 38 5.18 -9.01 23.61
CA ILE B 38 6.62 -8.93 23.86
C ILE B 38 7.15 -10.24 24.42
N PRO B 39 8.46 -10.48 24.36
CA PRO B 39 9.02 -11.71 24.93
C PRO B 39 8.97 -11.72 26.45
N LYS B 40 9.08 -12.93 26.99
CA LYS B 40 8.87 -13.15 28.43
C LYS B 40 9.85 -12.34 29.26
N LYS B 41 11.12 -12.36 28.88
CA LYS B 41 12.13 -11.67 29.69
C LYS B 41 11.88 -10.17 29.70
N ALA B 42 11.50 -9.60 28.55
CA ALA B 42 11.17 -8.18 28.51
C ALA B 42 10.00 -7.87 29.42
N HIS B 43 9.03 -8.78 29.51
CA HIS B 43 7.87 -8.56 30.37
C HIS B 43 8.26 -8.51 31.84
N THR B 44 9.11 -9.45 32.28
CA THR B 44 9.55 -9.43 33.66
C THR B 44 10.31 -8.15 33.98
N GLN B 45 11.09 -7.65 33.02
CA GLN B 45 11.84 -6.42 33.24
C GLN B 45 10.93 -5.20 33.27
N LEU B 46 9.93 -5.14 32.39
CA LEU B 46 9.16 -3.91 32.19
C LEU B 46 7.72 -3.99 32.68
N GLY B 47 7.33 -5.07 33.35
CA GLY B 47 5.95 -5.24 33.74
C GLY B 47 5.44 -4.19 34.70
N HIS B 48 6.31 -3.70 35.59
CA HIS B 48 5.91 -2.68 36.55
C HIS B 48 5.51 -1.38 35.87
N ASN B 49 6.00 -1.14 34.65
CA ASN B 49 5.69 0.11 33.95
C ASN B 49 4.22 0.25 33.60
N ASN B 50 3.45 -0.83 33.65
CA ASN B 50 2.04 -0.74 33.28
C ASN B 50 1.29 0.02 34.36
N LEU B 51 0.78 1.19 33.99
CA LEU B 51 0.04 2.04 34.91
C LEU B 51 -1.46 1.78 34.90
N TYR B 52 -2.00 1.17 33.84
CA TYR B 52 -3.43 0.96 33.67
C TYR B 52 -3.68 -0.52 33.36
N PRO B 53 -3.57 -1.38 34.37
CA PRO B 53 -3.60 -2.83 34.09
C PRO B 53 -4.92 -3.35 33.52
N ASP B 54 -6.06 -2.74 33.84
CA ASP B 54 -7.31 -3.16 33.19
C ASP B 54 -7.27 -2.89 31.69
N LEU B 55 -6.74 -1.74 31.29
CA LEU B 55 -6.75 -1.34 29.89
C LEU B 55 -5.56 -1.86 29.09
N ILE B 56 -4.39 -2.01 29.73
CA ILE B 56 -3.16 -2.42 29.04
C ILE B 56 -2.86 -3.87 29.42
N LYS B 57 -2.84 -4.75 28.43
CA LYS B 57 -2.60 -6.17 28.66
C LYS B 57 -1.35 -6.62 27.92
N PHE B 58 -0.52 -7.42 28.58
CA PHE B 58 0.68 -8.00 27.98
C PHE B 58 0.37 -9.41 27.50
N HIS B 59 0.80 -9.73 26.28
CA HIS B 59 0.72 -11.09 25.76
C HIS B 59 2.13 -11.55 25.40
N ILE B 60 2.56 -12.66 25.99
CA ILE B 60 3.92 -13.15 25.80
C ILE B 60 4.03 -13.82 24.45
N VAL B 61 5.07 -13.46 23.70
CA VAL B 61 5.44 -14.14 22.47
C VAL B 61 6.75 -14.86 22.72
N THR B 62 6.81 -16.14 22.37
CA THR B 62 8.05 -16.90 22.48
C THR B 62 8.98 -16.57 21.31
N VAL B 63 10.25 -16.34 21.63
CA VAL B 63 11.27 -16.09 20.61
C VAL B 63 11.82 -17.46 20.19
N PRO B 64 11.57 -17.91 18.97
CA PRO B 64 12.02 -19.25 18.57
C PRO B 64 13.54 -19.32 18.49
N HIS B 65 14.08 -20.44 18.97
CA HIS B 65 15.49 -20.72 18.73
C HIS B 65 15.70 -21.08 17.28
N VAL B 66 16.66 -20.41 16.65
CA VAL B 66 17.03 -20.66 15.27
C VAL B 66 18.55 -20.75 15.27
N GLU B 67 19.11 -21.30 14.19
CA GLU B 67 20.54 -21.54 14.13
C GLU B 67 21.32 -20.26 14.42
N GLY B 68 22.30 -20.35 15.30
CA GLY B 68 23.11 -19.22 15.70
C GLY B 68 22.53 -18.35 16.80
N LEU B 69 21.35 -18.66 17.31
CA LEU B 69 20.85 -17.80 18.37
C LEU B 69 21.36 -18.28 19.72
N PRO B 70 21.99 -17.41 20.50
CA PRO B 70 22.47 -17.82 21.83
C PRO B 70 21.34 -18.28 22.73
N ALA B 71 21.63 -19.24 23.60
CA ALA B 71 20.63 -19.78 24.50
C ALA B 71 20.03 -18.67 25.37
N GLY B 72 18.70 -18.65 25.46
CA GLY B 72 18.04 -17.69 26.31
C GLY B 72 18.00 -16.27 25.77
N ALA B 73 18.36 -16.06 24.51
CA ALA B 73 18.44 -14.71 23.95
C ALA B 73 17.07 -14.35 23.37
N GLU B 74 16.48 -13.27 23.90
CA GLU B 74 15.18 -12.81 23.43
C GLU B 74 15.18 -11.37 22.94
N THR B 75 16.16 -10.55 23.33
CA THR B 75 16.18 -9.15 22.96
C THR B 75 17.56 -8.79 22.44
N ALA B 76 17.65 -7.60 21.82
CA ALA B 76 18.93 -7.14 21.32
C ALA B 76 19.97 -7.00 22.42
N SER B 77 19.51 -6.71 23.64
CA SER B 77 20.44 -6.57 24.77
C SER B 77 21.13 -7.88 25.10
N ASP B 78 20.47 -9.02 24.86
CA ASP B 78 21.07 -10.31 25.18
C ASP B 78 22.27 -10.62 24.27
N ILE B 79 22.27 -10.10 23.05
CA ILE B 79 23.17 -10.59 22.00
C ILE B 79 24.22 -9.54 21.65
N ASP B 80 25.38 -10.03 21.22
CA ASP B 80 26.37 -9.21 20.56
C ASP B 80 26.11 -9.16 19.04
N ILE B 81 26.89 -8.35 18.35
CA ILE B 81 26.72 -8.13 16.93
C ILE B 81 26.81 -9.43 16.13
N THR B 82 27.46 -10.46 16.69
CA THR B 82 27.58 -11.74 15.98
C THR B 82 26.22 -12.39 15.74
N ALA B 83 25.26 -12.15 16.64
CA ALA B 83 23.94 -12.79 16.55
C ALA B 83 22.87 -11.91 15.91
N LYS B 84 23.25 -10.81 15.25
CA LYS B 84 22.25 -9.88 14.74
C LYS B 84 21.29 -10.54 13.76
N ASN B 85 21.83 -11.25 12.76
CA ASN B 85 20.96 -11.91 11.80
C ASN B 85 20.12 -13.00 12.44
N PRO B 86 20.64 -13.88 13.32
CA PRO B 86 19.76 -14.85 13.99
C PRO B 86 18.65 -14.22 14.81
N LEU B 87 18.90 -13.10 15.48
CA LEU B 87 17.80 -12.44 16.21
C LEU B 87 16.70 -12.00 15.26
N ALA B 88 17.09 -11.36 14.15
CA ALA B 88 16.11 -10.92 13.16
C ALA B 88 15.30 -12.09 12.61
N ILE B 89 15.95 -13.21 12.30
CA ILE B 89 15.24 -14.36 11.76
C ILE B 89 14.28 -14.93 12.79
N ALA B 90 14.68 -14.91 14.07
CA ALA B 90 13.79 -15.35 15.12
C ALA B 90 12.61 -14.39 15.28
N PHE B 91 12.89 -13.09 15.18
CA PHE B 91 11.82 -12.10 15.25
C PHE B 91 10.82 -12.32 14.13
N ASP B 92 11.33 -12.52 12.91
CA ASP B 92 10.46 -12.80 11.77
C ASP B 92 9.74 -14.13 11.93
N ALA B 93 10.36 -15.10 12.59
CA ALA B 93 9.75 -16.41 12.77
C ALA B 93 8.60 -16.41 13.77
N MET B 94 8.40 -15.36 14.56
CA MET B 94 7.24 -15.36 15.44
C MET B 94 5.98 -14.84 14.72
N TYR B 95 6.03 -14.82 13.39
CA TYR B 95 4.88 -14.46 12.56
C TYR B 95 3.65 -15.31 12.90
N GLU B 96 3.84 -16.62 13.08
CA GLU B 96 2.70 -17.49 13.26
C GLU B 96 1.97 -17.24 14.58
N GLN B 97 2.72 -17.03 15.68
CA GLN B 97 2.08 -16.73 16.95
C GLN B 97 1.39 -15.38 16.91
N VAL B 98 2.06 -14.38 16.33
CA VAL B 98 1.46 -13.05 16.25
C VAL B 98 0.17 -13.10 15.45
N GLU B 99 0.15 -13.87 14.37
CA GLU B 99 -1.09 -14.01 13.59
C GLU B 99 -2.18 -14.64 14.42
N THR B 100 -1.86 -15.69 15.17
CA THR B 100 -2.84 -16.33 16.04
C THR B 100 -3.37 -15.35 17.08
N LEU B 101 -2.48 -14.57 17.70
CA LEU B 101 -2.90 -13.60 18.70
C LEU B 101 -3.76 -12.50 18.09
N LEU B 102 -3.38 -12.01 16.90
CA LEU B 102 -4.16 -10.94 16.27
C LEU B 102 -5.56 -11.42 15.93
N TYR B 103 -5.70 -12.68 15.50
CA TYR B 103 -7.03 -13.24 15.28
C TYR B 103 -7.87 -13.20 16.55
N GLY B 104 -7.25 -13.51 17.68
CA GLY B 104 -7.99 -13.45 18.94
C GLY B 104 -8.26 -12.03 19.39
N LEU B 105 -7.25 -11.15 19.32
CA LEU B 105 -7.42 -9.80 19.84
C LEU B 105 -8.37 -8.97 18.99
N LYS B 106 -8.34 -9.15 17.67
CA LYS B 106 -9.18 -8.39 16.75
C LYS B 106 -9.03 -6.88 16.94
N PRO B 107 -7.81 -6.35 16.88
CA PRO B 107 -7.61 -4.92 17.15
C PRO B 107 -8.12 -4.04 16.02
N ASP B 108 -8.48 -2.80 16.37
CA ASP B 108 -8.76 -1.79 15.35
C ASP B 108 -7.50 -1.37 14.63
N ILE B 109 -6.44 -1.07 15.39
CA ILE B 109 -5.19 -0.54 14.85
C ILE B 109 -4.04 -1.31 15.47
N VAL B 110 -3.03 -1.61 14.65
CA VAL B 110 -1.82 -2.29 15.11
C VAL B 110 -0.65 -1.35 14.90
N PHE B 111 0.19 -1.23 15.94
CA PHE B 111 1.43 -0.47 15.87
C PHE B 111 2.58 -1.45 15.70
N TYR B 112 3.49 -1.14 14.79
CA TYR B 112 4.65 -1.97 14.54
C TYR B 112 5.78 -1.08 14.07
N ASP B 113 7.00 -1.61 14.10
CA ASP B 113 8.09 -0.88 13.46
C ASP B 113 8.86 -1.80 12.50
N PHE B 114 9.64 -2.75 13.03
CA PHE B 114 10.49 -3.56 12.16
C PHE B 114 9.76 -4.74 11.53
N ALA B 115 8.54 -5.06 11.96
CA ALA B 115 7.88 -6.27 11.48
C ALA B 115 7.18 -5.94 10.17
N ASP B 116 7.98 -5.94 9.10
CA ASP B 116 7.48 -5.53 7.79
C ASP B 116 6.36 -6.43 7.29
N TRP B 117 6.22 -7.63 7.84
CA TRP B 117 5.15 -8.54 7.45
C TRP B 117 3.80 -8.18 8.07
N ILE B 118 3.77 -7.26 9.04
CA ILE B 118 2.50 -6.93 9.72
C ILE B 118 1.43 -6.48 8.73
N PRO B 119 1.70 -5.58 7.77
CA PRO B 119 0.64 -5.22 6.79
C PRO B 119 0.08 -6.40 6.02
N LYS B 120 0.87 -7.47 5.78
CA LYS B 120 0.29 -8.66 5.17
C LYS B 120 -0.76 -9.28 6.08
N LEU B 121 -0.48 -9.32 7.39
CA LEU B 121 -1.49 -9.79 8.32
C LEU B 121 -2.67 -8.83 8.38
N ALA B 122 -2.39 -7.53 8.23
CA ALA B 122 -3.48 -6.54 8.18
C ALA B 122 -4.43 -6.82 7.03
N ALA B 123 -3.89 -7.16 5.86
CA ALA B 123 -4.73 -7.44 4.72
C ALA B 123 -5.54 -8.72 4.92
N GLN B 124 -4.94 -9.73 5.54
CA GLN B 124 -5.67 -10.98 5.78
C GLN B 124 -6.70 -10.83 6.90
N ILE B 125 -6.32 -10.21 8.02
CA ILE B 125 -7.23 -10.16 9.17
C ILE B 125 -8.16 -8.93 9.13
N GLY B 126 -7.77 -7.86 8.45
CA GLY B 126 -8.57 -6.66 8.44
C GLY B 126 -8.38 -5.75 9.63
N PHE B 127 -7.23 -5.09 9.72
CA PHE B 127 -7.02 -3.99 10.65
C PHE B 127 -6.15 -2.93 9.98
N LYS B 128 -6.27 -1.69 10.48
CA LYS B 128 -5.37 -0.63 10.06
C LYS B 128 -4.05 -0.69 10.85
N THR B 129 -3.00 -0.13 10.26
CA THR B 129 -1.67 -0.16 10.87
C THR B 129 -1.01 1.21 10.88
N VAL B 130 -0.23 1.47 11.91
CA VAL B 130 0.65 2.63 12.01
C VAL B 130 2.08 2.13 12.16
N CYS B 131 2.99 2.65 11.33
CA CYS B 131 4.41 2.32 11.44
C CYS B 131 5.02 3.37 12.35
N TYR B 132 5.27 3.00 13.60
CA TYR B 132 5.60 3.96 14.66
C TYR B 132 7.09 3.90 14.95
N ASN B 133 7.76 5.04 14.84
CA ASN B 133 9.21 5.10 14.91
C ASN B 133 9.64 5.91 16.12
N VAL B 134 10.34 5.26 17.04
CA VAL B 134 10.88 5.93 18.21
C VAL B 134 12.02 6.87 17.82
N ILE B 135 12.76 6.55 16.76
CA ILE B 135 13.89 7.38 16.36
C ILE B 135 13.38 8.63 15.65
N CYS B 136 14.24 9.64 15.56
CA CYS B 136 13.87 10.95 15.05
C CYS B 136 13.53 10.91 13.57
N ALA B 137 12.69 11.86 13.16
CA ALA B 137 12.31 12.00 11.75
C ALA B 137 13.52 12.27 10.85
N SER B 138 14.47 13.08 11.32
CA SER B 138 15.61 13.42 10.47
C SER B 138 16.41 12.19 10.10
N CYS B 139 16.58 11.27 11.04
CA CYS B 139 17.27 10.02 10.74
C CYS B 139 16.51 9.21 9.69
N MET B 140 15.19 9.15 9.81
CA MET B 140 14.36 8.50 8.80
C MET B 140 14.46 9.23 7.47
N ALA B 141 14.35 10.56 7.49
CA ALA B 141 14.31 11.34 6.25
C ALA B 141 15.62 11.28 5.50
N ILE B 142 16.74 11.35 6.22
CA ILE B 142 18.05 11.31 5.58
C ILE B 142 18.45 9.91 5.11
N GLY B 143 17.84 8.85 5.66
CA GLY B 143 18.38 7.53 5.43
C GLY B 143 17.67 6.62 4.45
N ILE B 144 16.51 6.08 4.83
CA ILE B 144 15.82 5.09 4.01
C ILE B 144 14.57 5.76 3.46
N VAL B 145 14.67 6.23 2.21
CA VAL B 145 13.61 7.02 1.63
C VAL B 145 13.69 6.78 0.12
N PRO B 146 12.57 6.82 -0.62
CA PRO B 146 12.63 6.50 -2.05
C PRO B 146 13.64 7.34 -2.83
N ALA B 147 13.88 8.59 -2.42
CA ALA B 147 14.83 9.43 -3.14
C ALA B 147 16.24 8.85 -3.11
N ARG B 148 16.64 8.26 -1.97
CA ARG B 148 17.93 7.58 -1.92
C ARG B 148 17.83 6.21 -2.57
N HIS B 149 18.83 5.90 -3.39
CA HIS B 149 18.91 4.58 -4.00
C HIS B 149 19.96 3.76 -3.26
N ILE B 150 19.56 2.57 -2.83
CA ILE B 150 20.44 1.67 -2.10
C ILE B 150 20.57 0.38 -2.91
N PRO B 151 21.78 -0.02 -3.29
CA PRO B 151 21.93 -1.24 -4.07
C PRO B 151 21.58 -2.47 -3.25
N LYS B 152 20.90 -3.42 -3.86
CA LYS B 152 20.60 -4.68 -3.21
C LYS B 152 21.81 -5.60 -3.20
N ASP B 153 22.94 -5.09 -3.69
CA ASP B 153 24.17 -5.87 -3.74
C ASP B 153 25.28 -5.19 -2.92
N ARG B 154 26.09 -4.39 -3.59
CA ARG B 154 27.19 -3.70 -2.93
C ARG B 154 26.69 -2.77 -1.83
N PRO B 155 27.59 -2.19 -1.06
CA PRO B 155 27.21 -1.30 0.05
C PRO B 155 27.28 0.18 -0.34
N LEU B 156 26.65 1.04 0.45
CA LEU B 156 26.66 2.47 0.18
C LEU B 156 27.98 3.10 0.64
N THR B 157 28.81 3.48 -0.32
CA THR B 157 30.10 4.10 -0.02
C THR B 157 29.94 5.26 0.96
N GLU B 158 31.04 5.60 1.64
CA GLU B 158 31.02 6.69 2.60
C GLU B 158 30.51 7.99 1.99
N GLU B 159 30.87 8.26 0.72
CA GLU B 159 30.34 9.47 0.07
C GLU B 159 28.84 9.35 -0.19
N GLU B 160 28.36 8.16 -0.54
CA GLU B 160 26.92 7.97 -0.65
C GLU B 160 26.22 8.17 0.70
N LEU B 161 26.78 7.60 1.77
CA LEU B 161 26.18 7.77 3.08
C LEU B 161 26.22 9.23 3.53
N MET B 162 27.29 9.94 3.17
CA MET B 162 27.40 11.36 3.51
C MET B 162 26.37 12.21 2.78
N THR B 163 26.06 11.86 1.54
CA THR B 163 25.20 12.69 0.70
C THR B 163 23.73 12.51 1.04
N PRO B 164 23.02 13.55 1.45
CA PRO B 164 21.58 13.40 1.80
C PRO B 164 20.73 13.16 0.57
N PRO B 165 19.54 12.60 0.73
CA PRO B 165 18.69 12.32 -0.42
C PRO B 165 18.20 13.59 -1.10
N GLU B 166 17.83 13.43 -2.37
CA GLU B 166 17.31 14.55 -3.16
C GLU B 166 16.05 15.12 -2.53
N GLY B 167 16.02 16.43 -2.38
CA GLY B 167 14.90 17.10 -1.73
C GLY B 167 14.98 17.14 -0.22
N TYR B 168 16.07 16.65 0.38
CA TYR B 168 16.20 16.64 1.83
C TYR B 168 16.13 18.07 2.36
N PRO B 169 15.28 18.35 3.36
CA PRO B 169 14.92 19.75 3.66
C PRO B 169 16.01 20.59 4.32
N SER B 170 17.01 20.00 4.99
CA SER B 170 17.96 20.80 5.75
C SER B 170 19.36 20.70 5.16
N SER B 171 20.03 21.83 5.04
CA SER B 171 21.48 21.85 4.84
C SER B 171 22.22 21.62 6.14
N THR B 172 21.63 22.00 7.27
CA THR B 172 22.29 21.93 8.57
C THR B 172 22.29 20.52 9.17
N VAL B 173 21.18 19.81 9.09
CA VAL B 173 21.02 18.54 9.83
C VAL B 173 21.61 17.45 8.93
N VAL B 174 22.94 17.40 8.90
CA VAL B 174 23.67 16.54 7.98
C VAL B 174 24.82 15.87 8.71
N LEU B 175 25.26 14.73 8.19
CA LEU B 175 26.45 14.05 8.68
C LEU B 175 27.72 14.61 8.00
N ARG B 176 28.84 14.54 8.73
CA ARG B 176 30.10 15.11 8.28
C ARG B 176 31.17 14.04 8.19
N GLY B 177 31.77 13.86 7.01
CA GLY B 177 33.05 13.20 6.89
C GLY B 177 33.13 11.79 7.47
N GLN B 178 33.89 11.67 8.56
CA GLN B 178 34.11 10.39 9.20
C GLN B 178 32.89 9.88 9.95
N GLU B 179 31.85 10.71 10.10
CA GLU B 179 30.59 10.32 10.72
C GLU B 179 29.77 9.41 9.81
N ALA B 180 30.17 9.25 8.55
CA ALA B 180 29.33 8.54 7.60
C ALA B 180 29.00 7.12 8.04
N ARG B 181 29.96 6.41 8.63
CA ARG B 181 29.75 5.05 9.10
C ARG B 181 28.55 4.91 10.06
N THR B 182 28.23 5.98 10.80
CA THR B 182 27.16 5.90 11.79
C THR B 182 25.83 5.60 11.13
N LEU B 183 25.67 5.98 9.86
CA LEU B 183 24.48 5.68 9.07
C LEU B 183 24.58 4.37 8.28
N SER B 184 25.70 3.66 8.36
CA SER B 184 25.90 2.47 7.53
C SER B 184 24.89 1.37 7.84
N PHE B 185 24.18 1.45 8.95
CA PHE B 185 23.19 0.43 9.29
C PHE B 185 22.05 0.34 8.28
N ILE B 186 21.78 1.41 7.53
CA ILE B 186 20.58 1.44 6.70
C ILE B 186 20.62 0.33 5.64
N GLY B 187 21.80 0.02 5.13
CA GLY B 187 21.96 -1.02 4.14
C GLY B 187 22.44 -2.35 4.68
N MET B 188 22.61 -2.48 5.98
CA MET B 188 23.13 -3.71 6.56
C MET B 188 22.16 -4.87 6.38
N ASP B 189 22.71 -6.07 6.24
CA ASP B 189 21.89 -7.27 6.29
C ASP B 189 21.24 -7.40 7.66
N TYR B 190 19.95 -7.71 7.68
CA TYR B 190 19.18 -7.84 8.93
C TYR B 190 18.29 -9.08 8.80
N GLY B 191 18.86 -10.24 9.12
CA GLY B 191 18.17 -11.50 8.85
C GLY B 191 18.08 -11.80 7.37
N ALA B 192 16.90 -12.26 6.95
CA ALA B 192 16.72 -12.72 5.57
C ALA B 192 16.87 -11.59 4.56
N THR B 193 16.54 -10.36 4.94
CA THR B 193 16.60 -9.22 4.05
C THR B 193 17.59 -8.19 4.57
N LYS B 194 17.96 -7.25 3.70
CA LYS B 194 18.74 -6.11 4.13
C LYS B 194 17.81 -5.10 4.78
N PHE B 195 18.38 -4.30 5.70
CA PHE B 195 17.57 -3.45 6.57
C PHE B 195 16.71 -2.48 5.77
N ASP B 196 17.29 -1.87 4.73
CA ASP B 196 16.52 -0.89 3.97
C ASP B 196 15.37 -1.52 3.20
N VAL B 197 15.50 -2.80 2.81
CA VAL B 197 14.36 -3.48 2.20
C VAL B 197 13.26 -3.67 3.24
N ARG B 198 13.62 -4.06 4.45
CA ARG B 198 12.63 -4.28 5.50
C ARG B 198 11.90 -2.99 5.85
N ILE B 199 12.65 -1.91 6.09
CA ILE B 199 12.03 -0.64 6.46
C ILE B 199 11.19 -0.09 5.32
N THR B 200 11.69 -0.20 4.09
CA THR B 200 10.95 0.33 2.93
C THR B 200 9.58 -0.32 2.82
N ALA B 201 9.52 -1.65 3.02
CA ALA B 201 8.24 -2.33 2.96
C ALA B 201 7.35 -1.92 4.13
N ALA B 202 7.94 -1.76 5.32
CA ALA B 202 7.17 -1.35 6.49
C ALA B 202 6.57 0.04 6.30
N MET B 203 7.36 0.97 5.76
CA MET B 203 6.84 2.33 5.56
C MET B 203 5.78 2.36 4.47
N GLN B 204 6.00 1.62 3.38
CA GLN B 204 5.01 1.61 2.30
C GLN B 204 3.77 0.79 2.64
N GLY B 205 3.90 -0.21 3.53
CA GLY B 205 2.77 -1.05 3.88
C GLY B 205 1.79 -0.42 4.86
N CYS B 206 2.26 0.47 5.73
CA CYS B 206 1.43 1.02 6.80
C CYS B 206 0.30 1.90 6.25
N ASP B 207 -0.77 2.02 7.03
CA ASP B 207 -1.78 3.02 6.70
C ASP B 207 -1.27 4.44 6.99
N ALA B 208 -0.51 4.60 8.06
CA ALA B 208 0.06 5.89 8.37
C ALA B 208 1.41 5.70 9.06
N ILE B 209 2.28 6.70 8.89
CA ILE B 209 3.56 6.76 9.58
C ILE B 209 3.34 7.54 10.87
N GLY B 210 3.82 6.99 11.99
CA GLY B 210 3.78 7.67 13.27
C GLY B 210 5.20 7.98 13.73
N ILE B 211 5.42 9.21 14.18
CA ILE B 211 6.73 9.63 14.66
C ILE B 211 6.62 10.22 16.06
N ARG B 212 7.58 9.84 16.90
CA ARG B 212 7.70 10.31 18.28
C ARG B 212 8.39 11.68 18.31
N THR B 213 7.68 12.69 17.80
CA THR B 213 8.28 14.02 17.71
C THR B 213 7.18 15.06 17.53
N CYS B 214 7.60 16.32 17.49
CA CYS B 214 6.72 17.47 17.35
C CYS B 214 7.05 18.24 16.09
N ARG B 215 6.05 18.95 15.57
CA ARG B 215 6.24 19.70 14.33
C ARG B 215 7.24 20.85 14.51
N GLU B 216 7.22 21.49 15.68
CA GLU B 216 8.07 22.65 15.90
C GLU B 216 9.55 22.31 15.72
N LEU B 217 9.97 21.14 16.18
CA LEU B 217 11.36 20.72 16.02
C LEU B 217 11.62 20.13 14.62
N GLU B 218 10.72 19.29 14.11
CA GLU B 218 11.07 18.41 12.98
C GLU B 218 10.02 18.45 11.87
N GLY B 219 9.26 19.54 11.75
CA GLY B 219 8.20 19.65 10.78
C GLY B 219 8.60 19.45 9.32
N PRO B 220 9.70 20.09 8.87
CA PRO B 220 10.17 19.83 7.49
C PRO B 220 10.53 18.38 7.25
N MET B 221 11.11 17.70 8.24
CA MET B 221 11.42 16.29 8.09
C MET B 221 10.15 15.47 7.91
N CYS B 222 9.13 15.74 8.74
CA CYS B 222 7.91 14.96 8.66
C CYS B 222 7.24 15.14 7.30
N ASP B 223 7.19 16.38 6.81
CA ASP B 223 6.63 16.65 5.49
C ASP B 223 7.42 15.94 4.40
N TYR B 224 8.75 15.95 4.49
CA TYR B 224 9.54 15.27 3.49
C TYR B 224 9.21 13.79 3.45
N LEU B 225 9.09 13.15 4.62
CA LEU B 225 8.74 11.73 4.67
C LEU B 225 7.35 11.47 4.12
N SER B 226 6.40 12.38 4.40
CA SER B 226 5.05 12.22 3.90
C SER B 226 5.00 12.32 2.38
N ALA B 227 5.72 13.28 1.81
CA ALA B 227 5.80 13.40 0.36
C ALA B 227 6.51 12.19 -0.24
N GLN B 228 7.60 11.75 0.37
CA GLN B 228 8.40 10.67 -0.19
C GLN B 228 7.60 9.36 -0.25
N TYR B 229 6.90 9.02 0.83
CA TYR B 229 6.16 7.76 0.87
C TYR B 229 4.70 7.88 0.48
N ASN B 230 4.20 9.10 0.25
CA ASN B 230 2.79 9.32 -0.07
C ASN B 230 1.90 8.72 1.02
N LYS B 231 2.23 9.04 2.26
CA LYS B 231 1.50 8.53 3.41
C LYS B 231 1.27 9.64 4.41
N PRO B 232 0.19 9.58 5.18
CA PRO B 232 0.04 10.50 6.31
C PRO B 232 1.08 10.22 7.38
N VAL B 233 1.54 11.28 8.02
CA VAL B 233 2.50 11.21 9.12
C VAL B 233 1.80 11.75 10.36
N PHE B 234 1.75 10.93 11.41
CA PHE B 234 1.09 11.27 12.67
C PHE B 234 2.16 11.56 13.72
N LEU B 235 2.06 12.68 14.40
CA LEU B 235 3.04 13.07 15.40
C LEU B 235 2.46 12.82 16.78
N SER B 236 3.00 11.83 17.48
CA SER B 236 2.56 11.55 18.84
C SER B 236 3.04 12.61 19.81
N GLY B 237 4.12 13.32 19.48
CA GLY B 237 4.81 14.13 20.45
C GLY B 237 5.88 13.31 21.11
N PRO B 238 6.66 13.91 22.01
CA PRO B 238 7.76 13.14 22.63
C PRO B 238 7.29 12.03 23.55
N VAL B 239 6.08 12.13 24.11
CA VAL B 239 5.53 11.10 25.01
C VAL B 239 6.50 10.86 26.16
N LEU B 240 6.97 11.96 26.77
CA LEU B 240 7.96 11.82 27.85
C LEU B 240 7.31 11.19 29.09
N PRO B 241 7.91 10.16 29.69
CA PRO B 241 7.38 9.55 30.95
C PRO B 241 7.51 10.55 32.08
N GLU B 242 6.57 10.51 33.03
CA GLU B 242 6.59 11.51 34.12
C GLU B 242 7.88 11.29 34.93
N SER B 243 8.53 12.38 35.34
CA SER B 243 9.80 12.29 36.10
C SER B 243 9.53 11.66 37.47
N PRO B 244 10.43 10.82 38.01
CA PRO B 244 10.18 10.13 39.30
C PRO B 244 10.13 11.16 40.42
N LYS B 245 8.93 11.52 40.87
CA LYS B 245 8.78 12.58 41.90
C LYS B 245 9.28 12.03 43.25
N GLY B 246 10.59 12.13 43.48
CA GLY B 246 11.16 11.66 44.75
C GLY B 246 12.15 12.69 45.27
N PRO B 247 12.43 12.74 46.59
CA PRO B 247 13.45 13.68 47.13
C PRO B 247 14.83 13.33 46.56
N LEU B 248 15.61 14.36 46.23
CA LEU B 248 16.98 14.14 45.69
C LEU B 248 17.83 13.54 46.81
N GLU B 249 18.82 12.71 46.46
CA GLU B 249 19.59 12.05 47.53
C GLU B 249 20.23 13.19 48.34
N GLU B 250 20.18 13.06 49.67
CA GLU B 250 20.65 14.17 50.54
C GLU B 250 22.13 14.47 50.27
N LYS B 251 22.93 13.43 50.05
CA LYS B 251 24.35 13.69 49.88
C LYS B 251 24.62 14.56 48.66
N TRP B 252 23.87 14.33 47.56
CA TRP B 252 24.03 15.17 46.38
C TRP B 252 23.47 16.57 46.62
N GLU B 253 22.33 16.66 47.30
CA GLU B 253 21.77 17.97 47.62
C GLU B 253 22.73 18.77 48.48
N LYS B 254 23.40 18.11 49.42
CA LYS B 254 24.37 18.80 50.26
C LYS B 254 25.59 19.23 49.45
N TRP B 255 26.13 18.32 48.62
CA TRP B 255 27.33 18.64 47.87
C TRP B 255 27.06 19.74 46.84
N LEU B 256 25.91 19.69 46.16
CA LEU B 256 25.57 20.73 45.21
C LEU B 256 25.43 22.08 45.91
N ASN B 257 24.90 22.08 47.14
CA ASN B 257 24.69 23.32 47.87
C ASN B 257 25.98 24.03 48.24
N LYS B 258 27.11 23.32 48.24
CA LYS B 258 28.39 23.99 48.49
C LYS B 258 28.70 25.06 47.45
N PHE B 259 28.26 24.86 46.21
CA PHE B 259 28.60 25.75 45.11
C PHE B 259 27.52 26.79 44.83
N GLU B 260 27.89 27.80 44.05
CA GLU B 260 27.00 28.88 43.68
C GLU B 260 25.95 28.44 42.67
N PRO B 261 24.83 29.17 42.57
CA PRO B 261 23.77 28.78 41.63
C PRO B 261 24.25 28.81 40.18
N LYS B 262 23.79 27.83 39.41
CA LYS B 262 24.05 27.76 37.97
C LYS B 262 25.53 27.58 37.67
N SER B 263 26.32 27.17 38.67
CA SER B 263 27.76 27.09 38.54
C SER B 263 28.28 25.67 38.30
N VAL B 264 27.42 24.67 38.43
CA VAL B 264 27.86 23.28 38.38
C VAL B 264 27.55 22.70 37.01
N VAL B 265 28.54 21.99 36.45
CA VAL B 265 28.41 21.30 35.17
C VAL B 265 28.07 19.84 35.46
N TYR B 266 26.90 19.39 34.98
CA TYR B 266 26.46 18.01 35.16
C TYR B 266 26.59 17.27 33.84
N CYS B 267 27.10 16.04 33.90
CA CYS B 267 27.34 15.23 32.71
C CYS B 267 26.80 13.82 32.93
N ALA B 268 26.01 13.35 31.96
CA ALA B 268 25.59 11.96 31.92
C ALA B 268 25.33 11.57 30.47
N PHE B 269 25.59 10.30 30.15
CA PHE B 269 25.52 9.82 28.78
C PHE B 269 24.46 8.72 28.61
N GLY B 270 23.37 8.78 29.37
CA GLY B 270 22.30 7.82 29.17
C GLY B 270 22.48 6.52 29.94
N SER B 271 21.58 5.59 29.64
CA SER B 271 21.52 4.31 30.36
C SER B 271 22.27 3.18 29.66
N GLN B 272 22.62 3.36 28.38
CA GLN B 272 23.29 2.31 27.60
C GLN B 272 24.79 2.47 27.51
N MET B 273 25.27 3.68 27.26
CA MET B 273 26.66 3.88 26.85
C MET B 273 27.66 3.53 27.96
N ILE B 274 28.72 2.83 27.56
CA ILE B 274 29.89 2.61 28.40
C ILE B 274 31.10 3.06 27.61
N LEU B 275 31.84 4.03 28.16
CA LEU B 275 33.01 4.57 27.50
C LEU B 275 34.19 3.62 27.60
N GLN B 276 35.06 3.68 26.61
CA GLN B 276 36.37 3.03 26.72
C GLN B 276 37.23 3.83 27.68
N LYS B 277 38.20 3.14 28.30
CA LYS B 277 38.99 3.78 29.36
C LYS B 277 39.72 5.02 28.87
N ASN B 278 40.32 4.96 27.68
CA ASN B 278 41.06 6.12 27.19
C ASN B 278 40.15 7.31 26.96
N GLN B 279 38.99 7.09 26.32
CA GLN B 279 37.99 8.15 26.20
C GLN B 279 37.43 8.55 27.56
N PHE B 280 37.30 7.59 28.48
CA PHE B 280 36.83 7.91 29.82
C PHE B 280 37.81 8.85 30.53
N GLN B 281 39.11 8.50 30.49
CA GLN B 281 40.12 9.35 31.12
C GLN B 281 40.17 10.73 30.48
N GLU B 282 40.11 10.77 29.14
CA GLU B 282 40.12 12.05 28.44
C GLU B 282 38.96 12.93 28.87
N LEU B 283 37.80 12.33 29.16
CA LEU B 283 36.62 13.11 29.55
C LEU B 283 36.82 13.77 30.91
N VAL B 284 37.24 12.99 31.91
CA VAL B 284 37.39 13.56 33.25
C VAL B 284 38.49 14.62 33.26
N LEU B 285 39.55 14.42 32.47
CA LEU B 285 40.61 15.40 32.38
C LEU B 285 40.10 16.70 31.75
N GLY B 286 39.21 16.60 30.76
CA GLY B 286 38.61 17.80 30.19
C GLY B 286 37.81 18.59 31.21
N PHE B 287 37.06 17.90 32.07
CA PHE B 287 36.31 18.59 33.12
C PHE B 287 37.26 19.27 34.09
N GLU B 288 38.36 18.61 34.45
CA GLU B 288 39.32 19.24 35.35
C GLU B 288 39.91 20.50 34.73
N MET B 289 40.13 20.49 33.41
CA MET B 289 40.71 21.63 32.73
C MET B 289 39.84 22.87 32.87
N THR B 290 38.52 22.70 32.87
CA THR B 290 37.61 23.84 32.93
C THR B 290 37.79 24.64 34.21
N GLY B 291 38.15 23.99 35.30
CA GLY B 291 38.24 24.66 36.58
C GLY B 291 36.90 24.89 37.27
N LEU B 292 35.79 24.50 36.64
CA LEU B 292 34.46 24.64 37.22
C LEU B 292 34.11 23.42 38.05
N PRO B 293 33.14 23.56 38.96
CA PRO B 293 32.62 22.35 39.64
C PRO B 293 31.91 21.45 38.64
N PHE B 294 32.10 20.15 38.80
CA PHE B 294 31.50 19.21 37.87
C PHE B 294 30.95 17.99 38.59
N PHE B 295 29.83 17.49 38.07
CA PHE B 295 29.20 16.25 38.50
C PHE B 295 29.00 15.41 37.24
N VAL B 296 29.75 14.31 37.12
CA VAL B 296 29.62 13.42 35.99
C VAL B 296 29.23 12.05 36.52
N ALA B 297 28.11 11.52 36.00
CA ALA B 297 27.59 10.21 36.36
C ALA B 297 27.74 9.32 35.13
N LEU B 298 28.64 8.36 35.21
CA LEU B 298 29.00 7.54 34.07
C LEU B 298 29.27 6.12 34.57
N SER B 299 28.95 5.14 33.73
CA SER B 299 29.37 3.78 34.03
C SER B 299 30.89 3.68 33.88
N LYS B 300 31.49 2.86 34.73
CA LYS B 300 32.90 2.57 34.58
C LYS B 300 33.14 1.77 33.30
N PRO B 301 34.33 1.89 32.69
CA PRO B 301 34.62 1.13 31.48
C PRO B 301 34.53 -0.37 31.71
N HIS B 302 34.17 -1.10 30.64
CA HIS B 302 33.94 -2.53 30.74
C HIS B 302 35.16 -3.23 31.34
N GLY B 303 34.92 -4.14 32.28
CA GLY B 303 36.01 -4.91 32.84
C GLY B 303 36.84 -4.20 33.88
N ALA B 304 36.47 -2.98 34.26
CA ALA B 304 37.26 -2.19 35.20
C ALA B 304 36.80 -2.48 36.61
N ASP B 305 37.75 -2.52 37.55
CA ASP B 305 37.42 -2.88 38.92
C ASP B 305 36.50 -1.82 39.54
N SER B 306 36.80 -0.55 39.29
CA SER B 306 36.04 0.54 39.88
C SER B 306 36.23 1.78 39.01
N ILE B 307 35.39 2.78 39.26
CA ILE B 307 35.57 4.09 38.62
C ILE B 307 36.92 4.68 39.00
N GLU B 308 37.31 4.55 40.27
CA GLU B 308 38.57 5.13 40.74
C GLU B 308 39.77 4.49 40.04
N GLU B 309 39.72 3.17 39.82
CA GLU B 309 40.81 2.50 39.12
C GLU B 309 40.95 3.00 37.67
N ALA B 310 39.82 3.27 37.01
CA ALA B 310 39.87 3.75 35.63
C ALA B 310 40.44 5.16 35.53
N LEU B 311 40.34 5.95 36.60
CA LEU B 311 40.73 7.34 36.53
C LEU B 311 42.22 7.47 36.21
N PRO B 312 42.61 8.52 35.49
CA PRO B 312 44.04 8.76 35.28
C PRO B 312 44.71 9.11 36.59
N GLU B 313 45.99 8.75 36.70
CA GLU B 313 46.70 8.83 37.97
C GLU B 313 46.71 10.25 38.51
N GLY B 314 46.43 10.37 39.81
CA GLY B 314 46.43 11.65 40.48
C GLY B 314 45.18 12.48 40.31
N PHE B 315 44.18 12.01 39.55
CA PHE B 315 43.03 12.86 39.27
C PHE B 315 42.30 13.25 40.55
N LEU B 316 42.01 12.28 41.42
CA LEU B 316 41.19 12.56 42.59
C LEU B 316 41.89 13.53 43.55
N GLU B 317 43.22 13.42 43.67
CA GLU B 317 43.95 14.31 44.56
C GLU B 317 43.84 15.77 44.10
N ARG B 318 44.03 16.01 42.81
CA ARG B 318 44.03 17.38 42.30
C ARG B 318 42.66 18.01 42.33
N VAL B 319 41.62 17.25 42.00
CA VAL B 319 40.28 17.81 41.90
C VAL B 319 39.74 18.16 43.28
N GLY B 320 39.98 17.30 44.27
CA GLY B 320 39.38 17.52 45.58
C GLY B 320 37.88 17.49 45.52
N ASP B 321 37.23 18.44 46.20
CA ASP B 321 35.78 18.51 46.24
C ASP B 321 35.17 19.30 45.09
N ARG B 322 36.01 19.78 44.15
CA ARG B 322 35.49 20.53 43.02
C ARG B 322 34.57 19.65 42.17
N GLY B 323 34.93 18.38 41.98
CA GLY B 323 34.21 17.53 41.08
C GLY B 323 33.93 16.17 41.70
N VAL B 324 32.89 15.53 41.18
CA VAL B 324 32.50 14.18 41.57
C VAL B 324 32.35 13.36 40.30
N VAL B 325 32.94 12.15 40.29
CA VAL B 325 32.70 11.17 39.25
C VAL B 325 32.07 9.95 39.91
N HIS B 326 30.85 9.61 39.47
CA HIS B 326 30.01 8.64 40.16
C HIS B 326 29.67 7.51 39.21
N GLY B 327 29.99 6.27 39.63
CA GLY B 327 29.72 5.09 38.85
C GLY B 327 28.30 4.58 38.89
N GLY B 328 27.46 5.16 39.74
CA GLY B 328 26.11 4.69 39.94
C GLY B 328 25.06 5.50 39.21
N TRP B 329 23.86 4.93 39.13
CA TRP B 329 22.69 5.61 38.59
C TRP B 329 22.30 6.76 39.50
N VAL B 330 21.89 7.89 38.90
CA VAL B 330 21.53 9.07 39.66
C VAL B 330 20.17 9.58 39.20
N GLN B 331 19.55 10.41 40.04
CA GLN B 331 18.27 11.05 39.73
C GLN B 331 18.57 12.25 38.85
N GLN B 332 18.66 12.01 37.54
CA GLN B 332 19.11 13.03 36.60
C GLN B 332 18.18 14.25 36.59
N THR B 333 16.87 14.00 36.51
CA THR B 333 15.92 15.10 36.39
C THR B 333 15.96 16.01 37.62
N GLN B 334 16.04 15.42 38.82
CA GLN B 334 16.10 16.23 40.03
C GLN B 334 17.40 17.02 40.10
N ILE B 335 18.51 16.42 39.66
CA ILE B 335 19.79 17.12 39.68
C ILE B 335 19.76 18.31 38.72
N LEU B 336 19.18 18.11 37.53
CA LEU B 336 19.04 19.20 36.59
C LEU B 336 18.24 20.35 37.17
N ASN B 337 17.21 20.04 37.95
CA ASN B 337 16.37 21.06 38.55
C ASN B 337 17.03 21.75 39.74
N HIS B 338 18.12 21.21 40.25
CA HIS B 338 18.84 21.85 41.36
C HIS B 338 19.43 23.18 40.91
N GLN B 339 19.34 24.18 41.79
CA GLN B 339 19.70 25.54 41.46
C GLN B 339 21.19 25.70 41.14
N SER B 340 22.04 24.87 41.75
CA SER B 340 23.47 24.98 41.53
C SER B 340 23.87 24.61 40.10
N VAL B 341 23.09 23.76 39.45
CA VAL B 341 23.45 23.24 38.13
C VAL B 341 23.10 24.26 37.06
N GLY B 342 24.07 24.58 36.21
CA GLY B 342 23.87 25.52 35.12
C GLY B 342 24.15 24.98 33.74
N CYS B 343 24.75 23.79 33.65
CA CYS B 343 25.15 23.22 32.37
C CYS B 343 24.98 21.70 32.40
N PHE B 344 24.56 21.13 31.27
CA PHE B 344 24.39 19.68 31.12
C PHE B 344 25.16 19.23 29.89
N VAL B 345 26.12 18.34 30.09
CA VAL B 345 26.88 17.72 29.01
C VAL B 345 26.30 16.33 28.80
N SER B 346 25.78 16.07 27.61
CA SER B 346 25.12 14.80 27.35
C SER B 346 25.47 14.31 25.95
N HIS B 347 25.04 13.08 25.65
CA HIS B 347 25.22 12.47 24.36
C HIS B 347 24.07 12.75 23.40
N CYS B 348 23.11 13.58 23.80
CA CYS B 348 21.93 13.88 23.00
C CYS B 348 21.12 12.62 22.70
N GLY B 349 21.08 11.67 23.62
CA GLY B 349 20.07 10.65 23.58
C GLY B 349 18.70 11.26 23.76
N PHE B 350 17.66 10.53 23.33
CA PHE B 350 16.34 11.11 23.20
C PHE B 350 15.86 11.70 24.53
N GLY B 351 15.93 10.93 25.61
CA GLY B 351 15.46 11.43 26.89
C GLY B 351 16.27 12.61 27.37
N SER B 352 17.60 12.52 27.28
CA SER B 352 18.45 13.63 27.71
C SER B 352 18.20 14.88 26.87
N MET B 353 17.90 14.71 25.58
CA MET B 353 17.64 15.87 24.73
C MET B 353 16.42 16.65 25.21
N TRP B 354 15.32 15.96 25.48
CA TRP B 354 14.12 16.65 25.93
C TRP B 354 14.29 17.25 27.31
N GLU B 355 14.97 16.53 28.21
CA GLU B 355 15.19 17.04 29.56
C GLU B 355 16.05 18.30 29.53
N SER B 356 17.08 18.32 28.66
CA SER B 356 17.90 19.53 28.54
C SER B 356 17.08 20.71 28.02
N LEU B 357 16.21 20.46 27.03
CA LEU B 357 15.40 21.52 26.46
C LEU B 357 14.42 22.08 27.48
N LEU B 358 13.85 21.20 28.31
CA LEU B 358 12.91 21.64 29.34
C LEU B 358 13.62 22.35 30.48
N SER B 359 14.88 22.00 30.74
CA SER B 359 15.64 22.61 31.83
C SER B 359 16.05 24.04 31.46
N ASP B 360 16.59 24.75 32.45
CA ASP B 360 17.21 26.05 32.25
C ASP B 360 18.74 25.96 32.14
N SER B 361 19.30 24.74 32.13
CA SER B 361 20.73 24.57 32.03
C SER B 361 21.22 24.80 30.60
N GLN B 362 22.48 25.20 30.48
CA GLN B 362 23.13 25.27 29.17
C GLN B 362 23.36 23.86 28.64
N ILE B 363 23.30 23.72 27.32
CA ILE B 363 23.33 22.41 26.67
C ILE B 363 24.63 22.26 25.88
N VAL B 364 25.38 21.22 26.21
CA VAL B 364 26.62 20.85 25.54
C VAL B 364 26.49 19.40 25.09
N LEU B 365 26.72 19.14 23.80
CA LEU B 365 26.37 17.85 23.20
C LEU B 365 27.59 17.12 22.68
N VAL B 366 27.72 15.86 23.06
CA VAL B 366 28.78 14.96 22.59
C VAL B 366 28.13 13.71 21.99
N PRO B 367 27.56 13.79 20.80
CA PRO B 367 26.81 12.64 20.27
C PRO B 367 27.73 11.51 19.83
N ARG B 368 27.21 10.29 19.88
CA ARG B 368 27.91 9.11 19.39
C ARG B 368 27.21 8.48 18.19
N LEU B 369 25.93 8.14 18.34
CA LEU B 369 25.17 7.45 17.30
C LEU B 369 24.60 8.46 16.29
N ALA B 370 24.10 7.90 15.18
CA ALA B 370 23.64 8.73 14.06
C ALA B 370 22.48 9.63 14.45
N ASP B 371 21.51 9.10 15.21
CA ASP B 371 20.39 9.95 15.64
C ASP B 371 20.88 11.04 16.59
N GLN B 372 21.82 10.70 17.48
CA GLN B 372 22.36 11.69 18.40
C GLN B 372 23.09 12.81 17.67
N ILE B 373 23.78 12.48 16.56
CA ILE B 373 24.49 13.51 15.80
C ILE B 373 23.50 14.45 15.12
N LEU B 374 22.50 13.89 14.45
CA LEU B 374 21.54 14.72 13.72
C LEU B 374 20.78 15.63 14.67
N ASN B 375 20.39 15.10 15.85
CA ASN B 375 19.73 15.95 16.83
C ASN B 375 20.67 16.98 17.42
N THR B 376 21.96 16.65 17.52
CA THR B 376 22.95 17.66 17.89
C THR B 376 23.05 18.74 16.82
N ARG B 377 22.98 18.35 15.55
CA ARG B 377 23.03 19.32 14.46
C ARG B 377 21.82 20.25 14.52
N LEU B 378 20.66 19.69 14.84
CA LEU B 378 19.45 20.50 14.98
C LEU B 378 19.58 21.49 16.12
N LEU B 379 20.02 21.02 17.28
CA LEU B 379 20.06 21.89 18.45
C LEU B 379 21.18 22.90 18.34
N ALA B 380 22.39 22.46 18.00
CA ALA B 380 23.55 23.35 18.02
C ALA B 380 23.59 24.27 16.79
N GLU B 381 23.31 23.73 15.60
CA GLU B 381 23.49 24.47 14.36
C GLU B 381 22.18 25.05 13.83
N GLU B 382 21.13 24.25 13.75
CA GLU B 382 19.85 24.70 13.20
C GLU B 382 19.16 25.72 14.10
N LEU B 383 19.07 25.40 15.39
CA LEU B 383 18.37 26.25 16.34
C LEU B 383 19.32 27.12 17.16
N LYS B 384 20.54 26.65 17.36
CA LYS B 384 21.53 27.37 18.16
C LYS B 384 21.06 27.50 19.61
N VAL B 385 20.50 26.43 20.17
CA VAL B 385 20.20 26.38 21.59
C VAL B 385 21.25 25.63 22.39
N ALA B 386 22.30 25.16 21.74
CA ALA B 386 23.33 24.34 22.37
C ALA B 386 24.62 24.49 21.58
N VAL B 387 25.70 23.96 22.13
CA VAL B 387 26.96 23.87 21.41
C VAL B 387 27.36 22.42 21.30
N GLU B 388 28.10 22.10 20.25
CA GLU B 388 28.57 20.74 19.98
C GLU B 388 30.06 20.65 20.19
N VAL B 389 30.50 19.55 20.81
CA VAL B 389 31.93 19.24 20.89
C VAL B 389 32.40 18.67 19.55
N GLU B 390 33.56 19.12 19.10
CA GLU B 390 34.18 18.52 17.91
C GLU B 390 34.65 17.11 18.24
N ARG B 391 34.59 16.23 17.25
CA ARG B 391 34.89 14.82 17.47
C ARG B 391 35.82 14.29 16.39
N GLY B 392 36.59 13.27 16.77
CA GLY B 392 37.58 12.66 15.90
C GLY B 392 37.03 11.53 15.06
N ASP B 393 37.97 10.77 14.48
CA ASP B 393 37.63 9.82 13.44
C ASP B 393 36.64 8.75 13.93
N MET B 394 36.83 8.24 15.14
CA MET B 394 35.92 7.23 15.68
C MET B 394 34.81 7.85 16.54
N GLY B 395 34.59 9.15 16.43
CA GLY B 395 33.80 9.85 17.41
C GLY B 395 34.61 10.30 18.61
N TRP B 396 35.91 10.07 18.60
CA TRP B 396 36.78 10.43 19.71
C TRP B 396 36.75 11.93 19.94
N PHE B 397 36.74 12.33 21.20
CA PHE B 397 36.79 13.75 21.53
C PHE B 397 37.95 14.00 22.50
N SER B 398 38.68 15.09 22.24
CA SER B 398 39.81 15.48 23.06
C SER B 398 39.35 16.25 24.29
N LYS B 399 40.18 16.22 25.33
CA LYS B 399 39.85 16.95 26.55
C LYS B 399 39.89 18.45 26.33
N GLU B 400 40.75 18.93 25.42
CA GLU B 400 40.81 20.35 25.13
C GLU B 400 39.53 20.82 24.46
N ASP B 401 38.99 20.03 23.53
CA ASP B 401 37.76 20.40 22.86
C ASP B 401 36.58 20.44 23.84
N LEU B 402 36.50 19.47 24.75
CA LEU B 402 35.42 19.47 25.72
C LEU B 402 35.50 20.69 26.63
N CYS B 403 36.71 21.02 27.10
CA CYS B 403 36.86 22.18 27.98
C CYS B 403 36.41 23.45 27.29
N LYS B 404 36.79 23.63 26.02
CA LYS B 404 36.42 24.86 25.31
C LYS B 404 34.91 24.97 25.13
N ALA B 405 34.25 23.85 24.86
CA ALA B 405 32.79 23.87 24.69
C ALA B 405 32.11 24.29 25.98
N ILE B 406 32.50 23.70 27.09
CA ILE B 406 31.89 24.05 28.37
C ILE B 406 32.17 25.51 28.70
N LYS B 407 33.41 25.97 28.49
CA LYS B 407 33.73 27.35 28.78
C LYS B 407 32.96 28.31 27.88
N SER B 408 32.67 27.90 26.64
CA SER B 408 31.93 28.76 25.73
C SER B 408 30.52 29.04 26.23
N VAL B 409 29.88 28.05 26.85
CA VAL B 409 28.54 28.28 27.39
C VAL B 409 28.56 28.84 28.81
N MET B 410 29.55 28.45 29.63
CA MET B 410 29.47 28.74 31.06
C MET B 410 29.98 30.13 31.41
N ASP B 411 31.03 30.60 30.73
CA ASP B 411 31.57 31.93 31.03
C ASP B 411 30.51 32.99 30.75
N GLU B 412 30.33 33.91 31.71
CA GLU B 412 29.39 35.00 31.49
C GLU B 412 29.84 35.94 30.40
N GLU B 413 31.14 36.11 30.23
CA GLU B 413 31.66 36.90 29.11
C GLU B 413 31.29 36.37 27.71
N SER B 414 31.34 35.05 27.53
CA SER B 414 31.14 34.42 26.24
C SER B 414 29.95 34.88 25.48
N GLU B 415 30.15 35.47 24.33
CA GLU B 415 29.01 35.86 23.51
C GLU B 415 28.21 34.64 23.05
N VAL B 416 28.90 33.53 22.77
CA VAL B 416 28.21 32.30 22.36
C VAL B 416 27.31 31.80 23.47
N GLY B 417 27.75 31.96 24.72
CA GLY B 417 26.94 31.53 25.85
C GLY B 417 25.65 32.30 26.00
N LYS B 418 25.71 33.63 25.85
CA LYS B 418 24.49 34.43 25.93
C LYS B 418 23.50 34.02 24.85
N LEU B 419 24.01 33.73 23.66
CA LEU B 419 23.14 33.44 22.52
C LEU B 419 22.38 32.13 22.70
N VAL B 420 23.07 31.06 23.11
CA VAL B 420 22.40 29.77 23.29
C VAL B 420 21.40 29.83 24.44
N LYS B 421 21.72 30.57 25.51
CA LYS B 421 20.79 30.68 26.62
C LYS B 421 19.51 31.39 26.21
N LYS B 422 19.63 32.48 25.46
CA LYS B 422 18.43 33.19 25.01
C LYS B 422 17.60 32.32 24.07
N ASN B 423 18.25 31.66 23.11
CA ASN B 423 17.53 30.77 22.21
C ASN B 423 16.90 29.61 22.96
N HIS B 424 17.62 29.04 23.93
CA HIS B 424 17.07 27.97 24.74
C HIS B 424 15.84 28.45 25.52
N ALA B 425 15.90 29.66 26.07
CA ALA B 425 14.77 30.21 26.80
C ALA B 425 13.55 30.32 25.89
N LYS B 426 13.75 30.73 24.64
CA LYS B 426 12.63 30.85 23.71
C LYS B 426 11.97 29.50 23.46
N TRP B 427 12.77 28.47 23.21
CA TRP B 427 12.22 27.15 22.93
C TRP B 427 11.58 26.54 24.18
N ARG B 428 12.23 26.68 25.33
CA ARG B 428 11.68 26.15 26.58
C ARG B 428 10.31 26.74 26.89
N GLU B 429 10.13 28.04 26.71
CA GLU B 429 8.86 28.69 26.92
C GLU B 429 7.75 28.19 26.01
N THR B 430 8.09 27.80 24.81
CA THR B 430 7.12 27.08 23.97
C THR B 430 6.88 25.68 24.49
N LEU B 431 7.98 24.94 24.79
CA LEU B 431 7.88 23.51 25.07
C LEU B 431 7.16 23.25 26.39
N VAL B 432 7.34 24.12 27.40
CA VAL B 432 6.70 23.87 28.69
C VAL B 432 5.31 24.48 28.77
N SER B 433 4.85 25.18 27.74
CA SER B 433 3.57 25.87 27.82
C SER B 433 2.46 24.87 28.08
N PRO B 434 1.46 25.22 28.89
CA PRO B 434 0.43 24.25 29.28
C PRO B 434 -0.36 23.75 28.08
N GLY B 435 -0.57 22.43 28.03
CA GLY B 435 -1.29 21.81 26.95
C GLY B 435 -0.46 21.42 25.75
N TYR B 436 0.84 21.75 25.72
CA TYR B 436 1.64 21.51 24.53
C TYR B 436 1.77 20.02 24.21
N MET B 437 2.15 19.22 25.22
CA MET B 437 2.23 17.77 25.02
C MET B 437 0.85 17.18 24.79
N ASP B 438 -0.13 17.58 25.61
CA ASP B 438 -1.45 16.96 25.55
C ASP B 438 -2.14 17.23 24.21
N ASN B 439 -1.92 18.40 23.62
CA ASN B 439 -2.48 18.67 22.30
C ASN B 439 -1.98 17.68 21.27
N TYR B 440 -0.69 17.33 21.34
CA TYR B 440 -0.14 16.37 20.40
C TYR B 440 -0.78 15.00 20.57
N LEU B 441 -0.96 14.56 21.81
CA LEU B 441 -1.61 13.27 22.06
C LEU B 441 -3.05 13.27 21.57
N GLU B 442 -3.79 14.34 21.88
CA GLU B 442 -5.20 14.40 21.49
C GLU B 442 -5.35 14.43 19.97
N ASP B 443 -4.50 15.22 19.28
CA ASP B 443 -4.52 15.24 17.83
C ASP B 443 -4.09 13.90 17.26
N PHE B 444 -3.13 13.24 17.91
CA PHE B 444 -2.70 11.92 17.46
C PHE B 444 -3.85 10.93 17.51
N ILE B 445 -4.56 10.89 18.65
CA ILE B 445 -5.70 9.97 18.79
C ILE B 445 -6.77 10.29 17.75
N GLN B 446 -7.05 11.57 17.54
CA GLN B 446 -8.03 11.94 16.53
C GLN B 446 -7.62 11.46 15.14
N GLN B 447 -6.32 11.52 14.83
CA GLN B 447 -5.85 10.97 13.56
C GLN B 447 -6.01 9.45 13.50
N LEU B 448 -5.86 8.76 14.65
CA LEU B 448 -6.08 7.32 14.66
C LEU B 448 -7.54 6.97 14.35
N TYR B 449 -8.47 7.79 14.81
CA TYR B 449 -9.88 7.55 14.53
C TYR B 449 -10.16 7.69 13.06
N GLY B 450 -9.39 8.53 12.38
CA GLY B 450 -9.60 8.75 10.95
C GLY B 450 -9.31 7.51 10.13
#